data_3L5W
#
_entry.id   3L5W
#
_cell.length_a   76.620
_cell.length_b   65.560
_cell.length_c   118.740
_cell.angle_alpha   90.00
_cell.angle_beta   107.02
_cell.angle_gamma   90.00
#
_symmetry.space_group_name_H-M   'P 1 21 1'
#
loop_
_entity.id
_entity.type
_entity.pdbx_description
1 polymer 'C836 LIGHT CHAIN'
2 polymer 'C836 HEAVY CHAIN'
3 polymer Interleukin-13
4 non-polymer GLYCEROL
5 water water
#
loop_
_entity_poly.entity_id
_entity_poly.type
_entity_poly.pdbx_seq_one_letter_code
_entity_poly.pdbx_strand_id
1 'polypeptide(L)'
;DVQITQSPSYLAASPGETITLNCRASKSISKYLAWYQEKPGKTNKLLIYSGSTLQSGIPSRFSGSGSGTDFTLTISSLEP
EDFAMYFCQQHNEYPYTFGGGTKLEIKRTVAAPSVFIFPPSDEQLKSGTASVVCLLNNFYPREAKVQWKVDNALQSGNSQ
ESVTEQDSKDSTYSLSSTLTLSKADYEKHKVYACEVTHQGLSSPVTKSFNRGEC
;
L,A
2 'polypeptide(L)'
;QVTLKESGPGILQPSQTLSLTCSFSGFSLSTYGMGVGWIRQPSGKGLEWLAHIWWDDVKRYNPALKSRLTISKDTSGSQV
FLKIASVDTSDTATYYCARMGSDYDVWFDYWGQGTLVTVSAASTKGPSVFPLAPSSKSTSGGTAALGCLVKDYFPEPVTV
SWNSGALTSGVHTFPAVLQSSGLYSLSSVVTVPSSSLGTQTYICNVNHKPSNTKVDKKVEPKSCHHHHHH
;
H,B
3 'polypeptide(L)'
;MGPVPPSTALRELIEELVNITQNQKAPLCNGSMVWSINLTAGMYCAALESLINVSGCSAIEKTQRMLSGFCPHKVSAGQF
SSLHVRDTKIEVAQFVKDLLLHLKKLFREGRFN
;
I,J
#
# COMPACT_ATOMS: atom_id res chain seq x y z
N ASP A 1 -26.87 18.30 -2.36
CA ASP A 1 -26.86 17.44 -3.59
C ASP A 1 -25.64 17.74 -4.45
N VAL A 2 -24.77 16.74 -4.58
CA VAL A 2 -23.45 16.91 -5.15
C VAL A 2 -23.44 16.58 -6.64
N GLN A 3 -22.97 17.50 -7.47
CA GLN A 3 -22.75 17.25 -8.91
C GLN A 3 -21.32 16.83 -9.19
N ILE A 4 -21.15 15.72 -9.91
CA ILE A 4 -19.81 15.19 -10.21
C ILE A 4 -19.46 15.40 -11.68
N THR A 5 -18.32 16.05 -11.94
CA THR A 5 -17.82 16.35 -13.29
C THR A 5 -16.56 15.54 -13.53
N GLN A 6 -16.53 14.83 -14.66
CA GLN A 6 -15.31 14.22 -15.17
C GLN A 6 -14.90 14.94 -16.46
N SER A 7 -13.78 15.64 -16.39
CA SER A 7 -13.27 16.45 -17.51
C SER A 7 -11.77 16.27 -17.63
N PRO A 8 -11.28 15.92 -18.84
CA PRO A 8 -12.05 15.70 -20.06
C PRO A 8 -12.81 14.38 -20.08
N SER A 9 -13.83 14.30 -20.94
CA SER A 9 -14.67 13.13 -21.08
C SER A 9 -14.13 12.12 -22.10
N TYR A 10 -13.03 12.49 -22.77
CA TYR A 10 -12.37 11.60 -23.71
C TYR A 10 -10.86 11.68 -23.57
N LEU A 11 -10.20 10.52 -23.62
CA LEU A 11 -8.75 10.47 -23.68
C LEU A 11 -8.31 9.33 -24.58
N ALA A 12 -7.27 9.58 -25.36
CA ALA A 12 -6.58 8.51 -26.07
C ALA A 12 -5.17 8.36 -25.55
N ALA A 13 -4.72 7.12 -25.45
CA ALA A 13 -3.37 6.81 -25.06
C ALA A 13 -2.95 5.43 -25.59
N SER A 14 -1.65 5.23 -25.72
CA SER A 14 -1.12 3.98 -26.24
C SER A 14 -0.85 3.08 -25.04
N PRO A 15 -0.87 1.76 -25.26
CA PRO A 15 -0.58 0.88 -24.13
C PRO A 15 0.75 1.23 -23.48
N GLY A 16 0.92 0.79 -22.23
CA GLY A 16 2.14 1.05 -21.48
C GLY A 16 2.24 2.46 -20.93
N GLU A 17 1.43 3.38 -21.44
CA GLU A 17 1.39 4.74 -20.91
C GLU A 17 0.80 4.74 -19.51
N THR A 18 1.14 5.77 -18.74
CA THR A 18 0.49 6.03 -17.44
C THR A 18 -0.39 7.22 -17.67
N ILE A 19 -1.66 7.10 -17.30
CA ILE A 19 -2.61 8.21 -17.47
C ILE A 19 -3.34 8.49 -16.16
N THR A 20 -3.86 9.72 -16.03
CA THR A 20 -4.73 10.09 -14.93
C THR A 20 -6.05 10.62 -15.43
N LEU A 21 -7.13 10.27 -14.71
CA LEU A 21 -8.49 10.74 -15.01
C LEU A 21 -8.94 11.57 -13.84
N ASN A 22 -9.71 12.62 -14.11
CA ASN A 22 -10.11 13.56 -13.10
C ASN A 22 -11.56 13.37 -12.75
N CYS A 23 -11.88 13.60 -11.48
CA CYS A 23 -13.27 13.66 -11.07
C CYS A 23 -13.40 14.80 -10.09
N ARG A 24 -14.39 15.67 -10.31
CA ARG A 24 -14.57 16.86 -9.49
C ARG A 24 -15.99 16.94 -8.94
N ALA A 25 -16.08 17.19 -7.63
CA ALA A 25 -17.36 17.35 -6.92
C ALA A 25 -17.67 18.84 -6.72
N SER A 26 -18.96 19.16 -6.72
CA SER A 26 -19.44 20.53 -6.60
C SER A 26 -19.30 21.12 -5.18
N LYS A 27 -19.01 20.23 -4.23
CA LYS A 27 -18.77 20.57 -2.83
C LYS A 27 -18.02 19.39 -2.22
N SER A 28 -17.34 19.60 -1.08
CA SER A 28 -16.56 18.54 -0.45
C SER A 28 -17.32 17.25 -0.23
N ILE A 29 -16.63 16.13 -0.48
CA ILE A 29 -17.17 14.79 -0.25
C ILE A 29 -16.16 14.01 0.58
N SER A 30 -15.43 14.75 1.43
CA SER A 30 -14.38 14.16 2.24
C SER A 30 -13.59 13.31 1.26
N LYS A 31 -13.37 12.04 1.57
CA LYS A 31 -12.61 11.17 0.68
C LYS A 31 -13.47 10.11 -0.04
N TYR A 32 -14.79 10.25 0.04
CA TYR A 32 -15.66 9.16 -0.37
C TYR A 32 -16.11 9.22 -1.82
N LEU A 33 -15.20 8.75 -2.67
CA LEU A 33 -15.40 8.61 -4.10
C LEU A 33 -14.99 7.21 -4.53
N ALA A 34 -15.84 6.62 -5.39
CA ALA A 34 -15.59 5.29 -5.97
C ALA A 34 -15.41 5.42 -7.48
N TRP A 35 -14.63 4.49 -8.03
CA TRP A 35 -14.32 4.43 -9.46
C TRP A 35 -14.77 3.07 -10.00
N TYR A 36 -15.36 3.09 -11.18
CA TYR A 36 -15.87 1.86 -11.83
C TYR A 36 -15.41 1.82 -13.28
N GLN A 37 -15.17 0.62 -13.77
CA GLN A 37 -14.79 0.40 -15.15
C GLN A 37 -15.96 -0.20 -15.96
N GLU A 38 -16.29 0.44 -17.08
CA GLU A 38 -17.44 0.04 -17.91
C GLU A 38 -16.96 -0.45 -19.29
N LYS A 39 -17.47 -1.60 -19.73
CA LYS A 39 -17.08 -2.22 -20.99
C LYS A 39 -18.29 -2.81 -21.71
N PRO A 40 -18.34 -2.69 -23.05
CA PRO A 40 -19.50 -3.18 -23.80
C PRO A 40 -19.69 -4.67 -23.57
N GLY A 41 -20.93 -5.06 -23.30
CA GLY A 41 -21.24 -6.47 -23.07
C GLY A 41 -20.66 -7.04 -21.79
N LYS A 42 -20.13 -6.18 -20.92
CA LYS A 42 -19.74 -6.60 -19.57
C LYS A 42 -20.53 -5.83 -18.49
N THR A 43 -20.62 -6.41 -17.30
CA THR A 43 -21.17 -5.72 -16.12
C THR A 43 -20.13 -4.71 -15.56
N ASN A 44 -20.62 -3.62 -14.98
CA ASN A 44 -19.75 -2.57 -14.43
C ASN A 44 -18.92 -3.14 -13.29
N LYS A 45 -17.65 -2.75 -13.24
CA LYS A 45 -16.67 -3.34 -12.34
C LYS A 45 -16.13 -2.30 -11.37
N LEU A 46 -16.31 -2.53 -10.08
CA LEU A 46 -15.84 -1.60 -9.09
C LEU A 46 -14.32 -1.74 -8.93
N LEU A 47 -13.60 -0.62 -9.06
CA LEU A 47 -12.13 -0.58 -8.95
C LEU A 47 -11.62 -0.07 -7.59
N ILE A 48 -12.17 1.07 -7.15
CA ILE A 48 -11.69 1.80 -5.96
C ILE A 48 -12.89 2.36 -5.24
N TYR A 49 -12.81 2.46 -3.91
CA TYR A 49 -13.85 3.10 -3.12
C TYR A 49 -13.15 3.83 -2.00
N SER A 50 -13.86 4.77 -1.37
CA SER A 50 -13.31 5.69 -0.36
C SER A 50 -12.07 6.42 -0.85
N GLY A 51 -12.13 6.86 -2.11
CA GLY A 51 -11.04 7.66 -2.72
C GLY A 51 -9.85 6.84 -3.16
N SER A 52 -9.40 5.91 -2.32
CA SER A 52 -8.08 5.32 -2.55
C SER A 52 -7.99 3.86 -2.22
N THR A 53 -9.10 3.26 -1.80
CA THR A 53 -9.06 1.84 -1.44
C THR A 53 -9.35 0.96 -2.63
N LEU A 54 -8.33 0.19 -2.99
CA LEU A 54 -8.34 -0.73 -4.10
C LEU A 54 -9.23 -1.93 -3.79
N GLN A 55 -10.21 -2.16 -4.64
CA GLN A 55 -11.04 -3.33 -4.47
C GLN A 55 -10.19 -4.62 -4.61
N SER A 56 -10.58 -5.65 -3.86
CA SER A 56 -9.97 -6.96 -3.91
C SER A 56 -9.93 -7.49 -5.35
N GLY A 57 -8.76 -7.95 -5.78
CA GLY A 57 -8.59 -8.60 -7.09
C GLY A 57 -8.40 -7.66 -8.27
N ILE A 58 -8.30 -6.36 -7.99
CA ILE A 58 -8.01 -5.37 -9.01
C ILE A 58 -6.50 -5.18 -8.97
N PRO A 59 -5.84 -5.16 -10.14
CA PRO A 59 -4.40 -4.91 -10.22
C PRO A 59 -3.98 -3.59 -9.59
N SER A 60 -2.79 -3.58 -8.98
CA SER A 60 -2.30 -2.42 -8.24
C SER A 60 -1.83 -1.26 -9.11
N ARG A 61 -1.88 -1.42 -10.43
CA ARG A 61 -1.61 -0.29 -11.33
C ARG A 61 -2.76 0.73 -11.33
N PHE A 62 -3.90 0.37 -10.72
CA PHE A 62 -4.96 1.37 -10.48
C PHE A 62 -4.71 2.03 -9.14
N SER A 63 -4.71 3.36 -9.13
CA SER A 63 -4.41 4.14 -7.95
C SER A 63 -5.36 5.32 -7.89
N GLY A 64 -6.12 5.44 -6.79
CA GLY A 64 -7.06 6.55 -6.66
C GLY A 64 -6.54 7.52 -5.64
N SER A 65 -6.77 8.81 -5.85
CA SER A 65 -6.25 9.80 -4.93
C SER A 65 -7.23 10.95 -4.84
N GLY A 66 -7.04 11.79 -3.84
CA GLY A 66 -7.77 13.03 -3.72
C GLY A 66 -8.59 13.06 -2.46
N SER A 67 -9.03 14.24 -2.09
CA SER A 67 -9.90 14.43 -0.93
C SER A 67 -10.54 15.78 -1.05
N GLY A 68 -11.76 15.89 -0.55
CA GLY A 68 -12.50 17.14 -0.64
C GLY A 68 -13.27 17.17 -1.93
N THR A 69 -12.74 17.88 -2.93
CA THR A 69 -13.51 18.18 -4.12
C THR A 69 -12.85 17.72 -5.43
N ASP A 70 -11.57 17.37 -5.35
CA ASP A 70 -10.77 17.09 -6.53
C ASP A 70 -10.14 15.71 -6.42
N PHE A 71 -10.46 14.84 -7.37
CA PHE A 71 -10.01 13.44 -7.29
C PHE A 71 -9.36 12.97 -8.57
N THR A 72 -8.44 12.00 -8.46
CA THR A 72 -7.83 11.38 -9.65
C THR A 72 -7.79 9.86 -9.59
N LEU A 73 -8.01 9.22 -10.74
CA LEU A 73 -7.69 7.80 -10.88
C LEU A 73 -6.47 7.77 -11.79
N THR A 74 -5.39 7.14 -11.35
CA THR A 74 -4.18 6.98 -12.17
C THR A 74 -4.05 5.51 -12.58
N ILE A 75 -3.89 5.27 -13.88
CA ILE A 75 -3.62 3.91 -14.37
C ILE A 75 -2.25 3.90 -15.02
N SER A 76 -1.30 3.25 -14.35
CA SER A 76 0.08 3.24 -14.80
C SER A 76 0.38 2.01 -15.66
N SER A 77 1.20 2.21 -16.70
CA SER A 77 1.53 1.14 -17.63
C SER A 77 0.27 0.45 -18.14
N LEU A 78 -0.53 1.19 -18.90
CA LEU A 78 -1.79 0.70 -19.43
C LEU A 78 -1.64 -0.61 -20.21
N GLU A 79 -2.41 -1.61 -19.80
CA GLU A 79 -2.55 -2.85 -20.56
C GLU A 79 -3.73 -2.68 -21.54
N PRO A 80 -3.81 -3.55 -22.57
CA PRO A 80 -4.88 -3.44 -23.56
C PRO A 80 -6.30 -3.51 -22.95
N GLU A 81 -6.50 -4.44 -22.01
CA GLU A 81 -7.75 -4.61 -21.25
C GLU A 81 -8.15 -3.41 -20.37
N ASP A 82 -7.25 -2.44 -20.22
CA ASP A 82 -7.48 -1.27 -19.40
C ASP A 82 -8.23 -0.17 -20.14
N PHE A 83 -8.40 -0.33 -21.44
CA PHE A 83 -9.12 0.69 -22.23
C PHE A 83 -10.62 0.44 -22.16
N ALA A 84 -11.38 1.49 -21.83
CA ALA A 84 -12.73 1.36 -21.28
C ALA A 84 -13.28 2.71 -20.91
N MET A 85 -14.53 2.71 -20.44
CA MET A 85 -15.18 3.89 -19.87
C MET A 85 -15.09 3.79 -18.36
N TYR A 86 -14.72 4.90 -17.73
CA TYR A 86 -14.43 4.96 -16.33
C TYR A 86 -15.32 6.03 -15.81
N PHE A 87 -16.08 5.72 -14.77
CA PHE A 87 -16.95 6.71 -14.15
C PHE A 87 -16.72 6.71 -12.64
N CYS A 88 -16.93 7.87 -12.01
CA CYS A 88 -16.84 7.99 -10.55
C CYS A 88 -18.22 8.18 -9.91
N GLN A 89 -18.27 7.93 -8.60
CA GLN A 89 -19.47 8.07 -7.81
C GLN A 89 -19.08 8.53 -6.41
N GLN A 90 -19.67 9.64 -5.97
CA GLN A 90 -19.50 10.06 -4.58
C GLN A 90 -20.38 9.17 -3.70
N HIS A 91 -19.82 8.68 -2.61
CA HIS A 91 -20.65 8.03 -1.60
C HIS A 91 -20.54 8.70 -0.23
N ASN A 92 -20.31 10.01 -0.24
CA ASN A 92 -20.29 10.76 1.02
C ASN A 92 -21.69 11.10 1.54
N GLU A 93 -22.59 11.41 0.62
CA GLU A 93 -23.83 12.08 0.93
C GLU A 93 -24.95 11.52 0.06
N TYR A 94 -26.09 11.29 0.71
CA TYR A 94 -27.35 11.03 0.05
C TYR A 94 -27.85 12.38 -0.49
N PRO A 95 -28.41 12.38 -1.72
CA PRO A 95 -28.51 11.24 -2.60
C PRO A 95 -27.20 10.97 -3.34
N TYR A 96 -26.94 9.71 -3.65
CA TYR A 96 -25.69 9.31 -4.27
C TYR A 96 -25.71 9.69 -5.73
N THR A 97 -24.56 10.16 -6.22
CA THR A 97 -24.47 10.77 -7.54
C THR A 97 -23.19 10.34 -8.25
N PHE A 98 -23.28 10.27 -9.58
CA PHE A 98 -22.26 9.70 -10.44
C PHE A 98 -21.76 10.77 -11.38
N GLY A 99 -20.48 10.69 -11.71
CA GLY A 99 -19.91 11.49 -12.82
C GLY A 99 -20.30 10.92 -14.18
N GLY A 100 -20.16 11.73 -15.22
CA GLY A 100 -20.62 11.35 -16.56
C GLY A 100 -19.65 10.51 -17.37
N GLY A 101 -18.52 10.17 -16.78
CA GLY A 101 -17.57 9.24 -17.40
C GLY A 101 -16.54 9.81 -18.35
N THR A 102 -15.42 9.10 -18.45
CA THR A 102 -14.39 9.43 -19.41
C THR A 102 -14.11 8.18 -20.21
N LYS A 103 -14.19 8.30 -21.54
CA LYS A 103 -13.87 7.17 -22.41
C LYS A 103 -12.37 7.17 -22.72
N LEU A 104 -11.70 6.10 -22.31
CA LEU A 104 -10.27 5.94 -22.56
C LEU A 104 -10.06 4.95 -23.70
N GLU A 105 -9.66 5.48 -24.85
CA GLU A 105 -9.46 4.68 -26.04
C GLU A 105 -7.99 4.59 -26.48
N ILE A 106 -7.64 3.45 -27.06
CA ILE A 106 -6.29 3.22 -27.57
C ILE A 106 -5.97 4.03 -28.81
N LYS A 107 -4.87 4.79 -28.74
CA LYS A 107 -4.14 5.29 -29.90
C LYS A 107 -3.37 4.13 -30.55
N ARG A 108 -3.47 4.06 -31.86
CA ARG A 108 -2.69 3.09 -32.63
C ARG A 108 -2.40 3.69 -34.00
N THR A 109 -1.63 2.96 -34.79
CA THR A 109 -1.28 3.46 -36.13
C THR A 109 -2.52 3.54 -37.03
N VAL A 110 -2.47 4.43 -38.02
CA VAL A 110 -3.51 4.50 -39.03
C VAL A 110 -3.66 3.14 -39.73
N ALA A 111 -4.90 2.69 -39.89
CA ALA A 111 -5.24 1.52 -40.72
C ALA A 111 -6.36 1.90 -41.71
N ALA A 112 -6.17 1.59 -43.00
CA ALA A 112 -7.14 1.95 -44.03
C ALA A 112 -8.35 1.02 -44.03
N PRO A 113 -9.54 1.54 -44.38
CA PRO A 113 -10.69 0.63 -44.39
C PRO A 113 -10.67 -0.33 -45.58
N SER A 114 -11.26 -1.51 -45.41
CA SER A 114 -11.69 -2.40 -46.50
C SER A 114 -13.17 -2.11 -46.74
N VAL A 115 -13.50 -1.75 -47.97
CA VAL A 115 -14.82 -1.25 -48.29
C VAL A 115 -15.58 -2.29 -49.11
N PHE A 116 -16.86 -2.46 -48.77
CA PHE A 116 -17.78 -3.40 -49.44
C PHE A 116 -19.09 -2.66 -49.71
N ILE A 117 -19.71 -2.89 -50.87
CA ILE A 117 -21.01 -2.32 -51.21
C ILE A 117 -22.02 -3.42 -51.44
N PHE A 118 -23.23 -3.25 -50.90
CA PHE A 118 -24.28 -4.24 -51.03
C PHE A 118 -25.52 -3.61 -51.72
N PRO A 119 -26.03 -4.25 -52.79
CA PRO A 119 -27.33 -3.86 -53.34
C PRO A 119 -28.51 -4.24 -52.45
N PRO A 120 -29.68 -3.64 -52.72
CA PRO A 120 -30.85 -4.04 -51.97
C PRO A 120 -31.18 -5.45 -52.44
N SER A 121 -31.81 -6.24 -51.58
CA SER A 121 -32.31 -7.54 -51.97
C SER A 121 -33.64 -7.48 -52.74
N ASP A 122 -33.89 -8.47 -53.59
CA ASP A 122 -35.19 -8.65 -54.25
C ASP A 122 -36.33 -8.70 -53.24
N GLU A 123 -36.10 -9.42 -52.15
CA GLU A 123 -37.02 -9.44 -51.00
C GLU A 123 -37.40 -8.02 -50.56
N GLN A 124 -36.41 -7.16 -50.34
CA GLN A 124 -36.72 -5.79 -49.94
C GLN A 124 -37.51 -5.04 -51.01
N LEU A 125 -37.04 -5.10 -52.24
CA LEU A 125 -37.70 -4.39 -53.32
C LEU A 125 -39.20 -4.74 -53.43
N LYS A 126 -39.56 -5.99 -53.18
CA LYS A 126 -40.98 -6.35 -53.16
C LYS A 126 -41.82 -5.42 -52.27
N SER A 127 -41.23 -4.91 -51.21
CA SER A 127 -41.96 -4.03 -50.30
C SER A 127 -41.93 -2.55 -50.75
N GLY A 128 -41.20 -2.23 -51.82
CA GLY A 128 -41.22 -0.88 -52.37
C GLY A 128 -40.10 0.09 -51.98
N THR A 129 -39.21 -0.37 -51.10
CA THR A 129 -38.06 0.42 -50.65
C THR A 129 -36.77 -0.30 -51.00
N ALA A 130 -35.72 0.48 -51.23
CA ALA A 130 -34.38 -0.04 -51.52
C ALA A 130 -33.41 0.58 -50.54
N SER A 131 -32.73 -0.26 -49.76
CA SER A 131 -31.52 0.14 -49.01
C SER A 131 -30.26 -0.33 -49.70
N VAL A 132 -29.36 0.62 -49.94
CA VAL A 132 -28.03 0.28 -50.44
C VAL A 132 -27.08 0.51 -49.25
N VAL A 133 -26.24 -0.48 -48.95
CA VAL A 133 -25.35 -0.42 -47.78
C VAL A 133 -23.88 -0.33 -48.20
N CYS A 134 -23.13 0.56 -47.57
CA CYS A 134 -21.69 0.60 -47.76
C CYS A 134 -21.02 0.26 -46.41
N LEU A 135 -20.11 -0.71 -46.42
CA LEU A 135 -19.35 -1.13 -45.24
C LEU A 135 -17.91 -0.68 -45.33
N LEU A 136 -17.39 -0.05 -44.26
CA LEU A 136 -15.96 0.24 -44.14
C LEU A 136 -15.48 -0.52 -42.93
N ASN A 137 -14.59 -1.46 -43.16
CA ASN A 137 -14.25 -2.41 -42.14
C ASN A 137 -12.84 -2.17 -41.60
N ASN A 138 -12.76 -2.12 -40.27
CA ASN A 138 -11.50 -2.20 -39.55
C ASN A 138 -10.48 -1.13 -39.91
N PHE A 139 -10.87 0.12 -39.70
CA PHE A 139 -9.97 1.24 -39.95
C PHE A 139 -9.62 1.99 -38.66
N TYR A 140 -8.60 2.84 -38.73
CA TYR A 140 -8.23 3.73 -37.63
C TYR A 140 -7.53 4.92 -38.27
N PRO A 141 -7.79 6.16 -37.84
CA PRO A 141 -8.71 6.61 -36.76
C PRO A 141 -10.18 6.60 -37.21
N ARG A 142 -11.08 6.91 -36.27
CA ARG A 142 -12.53 6.96 -36.44
C ARG A 142 -13.03 7.80 -37.59
N GLU A 143 -12.30 8.87 -37.91
CA GLU A 143 -12.75 9.84 -38.90
C GLU A 143 -12.72 9.28 -40.33
N ALA A 144 -13.84 9.39 -41.02
CA ALA A 144 -14.00 8.82 -42.37
C ALA A 144 -15.16 9.49 -43.10
N LYS A 145 -15.03 9.68 -44.40
CA LYS A 145 -16.14 10.19 -45.18
C LYS A 145 -16.55 9.20 -46.26
N VAL A 146 -17.86 9.00 -46.34
CA VAL A 146 -18.51 8.21 -47.36
C VAL A 146 -19.30 9.16 -48.23
N GLN A 147 -19.11 9.04 -49.55
CA GLN A 147 -19.88 9.80 -50.52
C GLN A 147 -20.67 8.81 -51.37
N TRP A 148 -21.97 8.98 -51.42
CA TRP A 148 -22.86 8.18 -52.28
C TRP A 148 -23.11 8.89 -53.62
N LYS A 149 -22.98 8.13 -54.70
CA LYS A 149 -23.40 8.56 -56.05
C LYS A 149 -24.29 7.51 -56.72
N VAL A 150 -25.37 7.98 -57.36
CA VAL A 150 -26.25 7.11 -58.19
C VAL A 150 -26.18 7.72 -59.61
N ASP A 151 -25.61 6.99 -60.57
CA ASP A 151 -25.43 7.52 -61.92
C ASP A 151 -24.76 8.88 -61.86
N ASN A 152 -23.67 8.93 -61.11
CA ASN A 152 -22.94 10.16 -60.82
C ASN A 152 -23.63 11.32 -60.12
N ALA A 153 -24.87 11.14 -59.68
CA ALA A 153 -25.55 12.16 -58.92
C ALA A 153 -25.19 11.98 -57.45
N LEU A 154 -24.66 13.04 -56.85
CA LEU A 154 -24.22 12.95 -55.47
C LEU A 154 -25.43 12.95 -54.59
N GLN A 155 -25.50 11.94 -53.73
CA GLN A 155 -26.65 11.78 -52.84
C GLN A 155 -26.38 12.55 -51.56
N SER A 156 -27.33 13.40 -51.15
CA SER A 156 -27.14 14.25 -49.99
C SER A 156 -28.38 14.31 -49.10
N GLY A 157 -28.23 13.85 -47.86
CA GLY A 157 -29.32 13.88 -46.88
C GLY A 157 -30.16 12.63 -46.82
N ASN A 158 -29.89 11.68 -47.70
CA ASN A 158 -30.72 10.47 -47.75
C ASN A 158 -29.99 9.21 -47.30
N SER A 159 -28.91 9.42 -46.54
CA SER A 159 -28.15 8.32 -45.97
C SER A 159 -28.01 8.48 -44.45
N GLN A 160 -27.79 7.36 -43.74
CA GLN A 160 -27.49 7.42 -42.33
C GLN A 160 -26.35 6.47 -42.09
N GLU A 161 -25.50 6.77 -41.10
CA GLU A 161 -24.39 5.88 -40.78
C GLU A 161 -24.25 5.63 -39.31
N SER A 162 -23.61 4.52 -38.96
CA SER A 162 -23.17 4.32 -37.57
C SER A 162 -21.84 3.58 -37.51
N VAL A 163 -21.22 3.64 -36.34
CA VAL A 163 -19.84 3.22 -36.18
C VAL A 163 -19.76 2.31 -34.95
N THR A 164 -18.99 1.22 -35.07
CA THR A 164 -18.76 0.33 -33.95
C THR A 164 -17.77 0.96 -32.95
N GLU A 165 -17.76 0.42 -31.73
CA GLU A 165 -16.76 0.79 -30.74
C GLU A 165 -15.43 0.16 -31.15
N GLN A 166 -14.34 0.65 -30.58
CA GLN A 166 -13.02 0.11 -30.83
C GLN A 166 -13.04 -1.41 -30.64
N ASP A 167 -12.47 -2.13 -31.61
CA ASP A 167 -12.38 -3.60 -31.57
C ASP A 167 -11.38 -4.08 -30.52
N SER A 168 -11.77 -5.09 -29.76
CA SER A 168 -10.91 -5.63 -28.70
C SER A 168 -9.67 -6.36 -29.23
N LYS A 169 -9.54 -6.49 -30.55
CA LYS A 169 -8.41 -7.21 -31.13
C LYS A 169 -7.41 -6.37 -31.91
N ASP A 170 -7.89 -5.42 -32.70
CA ASP A 170 -6.96 -4.62 -33.51
C ASP A 170 -7.11 -3.12 -33.29
N SER A 171 -8.01 -2.76 -32.37
CA SER A 171 -8.31 -1.37 -31.99
C SER A 171 -8.91 -0.51 -33.09
N THR A 172 -9.45 -1.15 -34.09
CA THR A 172 -10.00 -0.42 -35.24
C THR A 172 -11.49 -0.16 -35.04
N TYR A 173 -12.05 0.64 -35.95
CA TYR A 173 -13.46 0.89 -36.01
C TYR A 173 -14.01 0.34 -37.33
N SER A 174 -15.32 0.21 -37.42
CA SER A 174 -15.96 -0.12 -38.67
C SER A 174 -17.15 0.80 -38.78
N LEU A 175 -17.58 1.04 -40.02
CA LEU A 175 -18.68 1.95 -40.30
C LEU A 175 -19.62 1.34 -41.35
N SER A 176 -20.91 1.52 -41.11
CA SER A 176 -21.97 1.10 -42.02
C SER A 176 -22.73 2.36 -42.43
N SER A 177 -23.03 2.49 -43.71
CA SER A 177 -23.77 3.63 -44.22
C SER A 177 -24.86 3.08 -45.09
N THR A 178 -26.10 3.52 -44.83
CA THR A 178 -27.23 3.06 -45.60
C THR A 178 -27.85 4.19 -46.40
N LEU A 179 -27.86 4.01 -47.72
CA LEU A 179 -28.58 4.89 -48.63
C LEU A 179 -30.01 4.36 -48.81
N THR A 180 -31.03 5.19 -48.54
CA THR A 180 -32.41 4.80 -48.79
C THR A 180 -33.02 5.43 -50.05
N LEU A 181 -33.58 4.59 -50.93
CA LEU A 181 -34.39 5.07 -52.07
C LEU A 181 -35.69 4.30 -52.14
N SER A 182 -36.63 4.80 -52.94
CA SER A 182 -37.82 4.03 -53.27
C SER A 182 -37.40 2.97 -54.27
N LYS A 183 -38.11 1.84 -54.32
CA LYS A 183 -37.87 0.86 -55.37
C LYS A 183 -37.94 1.51 -56.77
N ALA A 184 -38.95 2.38 -56.96
CA ALA A 184 -39.15 3.10 -58.24
C ALA A 184 -37.94 3.93 -58.65
N ASP A 185 -37.34 4.64 -57.70
CA ASP A 185 -36.16 5.43 -58.01
C ASP A 185 -34.99 4.48 -58.26
N TYR A 186 -34.87 3.44 -57.42
CA TYR A 186 -33.79 2.46 -57.59
C TYR A 186 -33.74 1.90 -59.00
N GLU A 187 -34.90 1.49 -59.52
CA GLU A 187 -34.98 0.91 -60.87
C GLU A 187 -34.82 1.91 -62.02
N LYS A 188 -34.72 3.19 -61.70
CA LYS A 188 -34.46 4.20 -62.74
C LYS A 188 -32.97 4.38 -63.06
N HIS A 189 -32.08 3.79 -62.25
CA HIS A 189 -30.64 4.08 -62.38
C HIS A 189 -29.76 2.86 -62.38
N LYS A 190 -28.55 3.01 -62.91
CA LYS A 190 -27.69 1.88 -63.17
C LYS A 190 -26.55 1.74 -62.16
N VAL A 191 -25.76 2.82 -62.02
CA VAL A 191 -24.50 2.76 -61.26
C VAL A 191 -24.63 3.28 -59.84
N TYR A 192 -24.48 2.39 -58.86
CA TYR A 192 -24.50 2.74 -57.44
C TYR A 192 -23.08 2.64 -56.90
N ALA A 193 -22.61 3.72 -56.28
CA ALA A 193 -21.22 3.87 -55.94
C ALA A 193 -21.03 4.55 -54.60
N CYS A 194 -20.14 3.96 -53.81
CA CYS A 194 -19.81 4.44 -52.50
C CYS A 194 -18.33 4.76 -52.57
N GLU A 195 -18.01 6.04 -52.39
CA GLU A 195 -16.62 6.54 -52.38
C GLU A 195 -16.16 6.92 -50.97
N VAL A 196 -15.07 6.31 -50.52
CA VAL A 196 -14.56 6.50 -49.18
C VAL A 196 -13.23 7.25 -49.15
N THR A 197 -13.17 8.25 -48.27
CA THR A 197 -11.95 8.97 -48.00
C THR A 197 -11.55 8.66 -46.57
N HIS A 198 -10.27 8.40 -46.35
CA HIS A 198 -9.74 8.11 -45.02
C HIS A 198 -8.23 8.31 -45.04
N GLN A 199 -7.68 8.77 -43.91
CA GLN A 199 -6.24 9.10 -43.75
C GLN A 199 -5.34 7.96 -44.24
N GLY A 200 -5.83 6.74 -44.07
CA GLY A 200 -5.12 5.55 -44.53
C GLY A 200 -5.09 5.35 -46.03
N LEU A 201 -5.77 6.22 -46.77
CA LEU A 201 -5.87 6.07 -48.22
C LEU A 201 -5.23 7.26 -48.95
N SER A 202 -4.26 6.99 -49.81
CA SER A 202 -3.62 8.06 -50.61
C SER A 202 -4.64 8.75 -51.51
N SER A 203 -5.52 7.94 -52.07
CA SER A 203 -6.61 8.41 -52.94
C SER A 203 -7.88 7.67 -52.53
N PRO A 204 -9.05 8.34 -52.64
CA PRO A 204 -10.38 7.77 -52.39
C PRO A 204 -10.58 6.39 -53.00
N VAL A 205 -11.31 5.53 -52.30
CA VAL A 205 -11.67 4.21 -52.82
C VAL A 205 -13.16 4.18 -53.11
N THR A 206 -13.50 3.64 -54.28
CA THR A 206 -14.91 3.54 -54.69
C THR A 206 -15.20 2.07 -54.90
N LYS A 207 -16.26 1.60 -54.26
CA LYS A 207 -16.91 0.36 -54.64
C LYS A 207 -18.26 0.68 -55.27
N SER A 208 -18.53 0.04 -56.40
CA SER A 208 -19.77 0.23 -57.13
C SER A 208 -20.38 -1.09 -57.60
N PHE A 209 -21.64 -1.03 -58.02
CA PHE A 209 -22.24 -2.15 -58.74
C PHE A 209 -23.15 -1.51 -59.80
N ASN A 210 -23.51 -2.32 -60.80
CA ASN A 210 -24.50 -1.97 -61.79
C ASN A 210 -25.75 -2.78 -61.46
N ARG A 211 -26.87 -2.08 -61.32
CA ARG A 211 -28.12 -2.78 -61.01
C ARG A 211 -28.35 -3.72 -62.19
N GLY A 212 -28.44 -5.01 -61.92
CA GLY A 212 -28.47 -6.01 -63.00
C GLY A 212 -27.37 -7.05 -62.81
N GLU A 213 -26.12 -6.62 -63.00
CA GLU A 213 -24.95 -7.49 -62.79
C GLU A 213 -24.96 -8.23 -61.46
N GLN B 1 -19.59 -16.68 -9.65
CA GLN B 1 -20.04 -16.43 -8.24
C GLN B 1 -21.22 -15.45 -8.15
N VAL B 2 -20.97 -14.22 -7.71
CA VAL B 2 -22.05 -13.24 -7.55
C VAL B 2 -22.48 -12.73 -8.93
N THR B 3 -23.79 -12.84 -9.20
CA THR B 3 -24.37 -12.35 -10.45
C THR B 3 -25.69 -11.65 -10.13
N LEU B 4 -26.07 -10.71 -10.97
CA LEU B 4 -27.35 -10.03 -10.83
C LEU B 4 -27.96 -9.87 -12.23
N LYS B 5 -29.27 -9.85 -12.32
CA LYS B 5 -29.91 -9.74 -13.63
C LYS B 5 -31.28 -9.10 -13.57
N GLU B 6 -31.45 -8.04 -14.35
CA GLU B 6 -32.68 -7.27 -14.34
C GLU B 6 -33.69 -7.81 -15.35
N SER B 7 -34.96 -7.71 -15.00
CA SER B 7 -36.02 -8.11 -15.92
C SER B 7 -37.08 -7.02 -15.85
N GLY B 8 -37.61 -6.69 -17.02
CA GLY B 8 -38.51 -5.54 -17.15
C GLY B 8 -39.42 -5.72 -18.36
N PRO B 9 -40.30 -4.73 -18.59
CA PRO B 9 -41.38 -4.76 -19.59
C PRO B 9 -40.94 -4.51 -21.03
N GLY B 10 -39.74 -3.97 -21.23
CA GLY B 10 -39.28 -3.62 -22.59
C GLY B 10 -39.76 -2.25 -23.05
N ILE B 11 -41.08 -2.07 -23.05
CA ILE B 11 -41.74 -0.83 -23.45
C ILE B 11 -43.03 -0.63 -22.65
N LEU B 12 -43.34 0.62 -22.32
CA LEU B 12 -44.63 0.92 -21.73
C LEU B 12 -45.11 2.28 -22.17
N GLN B 13 -46.42 2.50 -22.03
CA GLN B 13 -47.08 3.74 -22.38
C GLN B 13 -46.88 4.71 -21.22
N PRO B 14 -46.78 6.02 -21.50
CA PRO B 14 -46.79 7.02 -20.43
C PRO B 14 -47.97 6.88 -19.46
N SER B 15 -47.80 7.46 -18.26
CA SER B 15 -48.73 7.30 -17.12
C SER B 15 -48.89 5.87 -16.60
N GLN B 16 -48.14 4.93 -17.16
CA GLN B 16 -48.18 3.56 -16.66
C GLN B 16 -47.20 3.40 -15.48
N THR B 17 -47.19 2.21 -14.89
CA THR B 17 -46.36 1.88 -13.75
C THR B 17 -45.35 0.81 -14.13
N LEU B 18 -44.08 1.22 -14.14
CA LEU B 18 -42.99 0.32 -14.45
C LEU B 18 -42.66 -0.60 -13.30
N SER B 19 -42.65 -1.88 -13.59
CA SER B 19 -42.30 -2.88 -12.60
C SER B 19 -41.04 -3.60 -13.03
N LEU B 20 -40.01 -3.52 -12.18
CA LEU B 20 -38.71 -4.13 -12.49
C LEU B 20 -38.38 -5.20 -11.46
N THR B 21 -37.72 -6.25 -11.92
CA THR B 21 -37.26 -7.33 -11.05
C THR B 21 -35.75 -7.52 -11.17
N CYS B 22 -35.11 -7.69 -10.03
CA CYS B 22 -33.72 -8.03 -9.94
C CYS B 22 -33.59 -9.42 -9.32
N SER B 23 -33.02 -10.36 -10.07
CA SER B 23 -32.76 -11.70 -9.56
C SER B 23 -31.26 -11.81 -9.40
N PHE B 24 -30.84 -12.59 -8.41
CA PHE B 24 -29.42 -12.70 -8.12
C PHE B 24 -29.06 -14.01 -7.48
N SER B 25 -27.82 -14.43 -7.72
CA SER B 25 -27.23 -15.62 -7.12
C SER B 25 -25.97 -15.21 -6.39
N GLY B 26 -25.53 -16.07 -5.46
CA GLY B 26 -24.25 -15.92 -4.79
C GLY B 26 -24.32 -15.12 -3.50
N PHE B 27 -25.51 -14.64 -3.19
CA PHE B 27 -25.79 -14.00 -1.90
C PHE B 27 -27.31 -13.97 -1.68
N SER B 28 -27.72 -13.73 -0.44
CA SER B 28 -29.14 -13.49 -0.15
C SER B 28 -29.35 -12.22 0.66
N LEU B 29 -30.43 -11.50 0.35
CA LEU B 29 -30.83 -10.36 1.17
C LEU B 29 -31.49 -10.74 2.51
N SER B 30 -31.05 -11.86 3.07
CA SER B 30 -31.43 -12.24 4.42
C SER B 30 -30.16 -12.42 5.26
N THR B 31 -29.01 -12.43 4.59
CA THR B 31 -27.70 -12.37 5.25
C THR B 31 -27.39 -10.93 5.69
N TYR B 32 -26.76 -10.78 6.86
CA TYR B 32 -26.37 -9.47 7.37
C TYR B 32 -25.37 -8.77 6.44
N GLY B 33 -25.59 -7.48 6.21
CA GLY B 33 -24.66 -6.69 5.38
C GLY B 33 -25.05 -6.62 3.92
N MET B 34 -25.90 -7.55 3.47
CA MET B 34 -26.39 -7.58 2.08
C MET B 34 -27.43 -6.52 1.78
N GLY B 35 -27.35 -5.94 0.58
CA GLY B 35 -28.38 -5.03 0.05
C GLY B 35 -28.23 -4.75 -1.43
N VAL B 36 -29.27 -4.20 -2.03
CA VAL B 36 -29.34 -4.02 -3.47
C VAL B 36 -29.94 -2.66 -3.84
N GLY B 37 -29.33 -2.00 -4.81
CA GLY B 37 -29.89 -0.76 -5.32
C GLY B 37 -30.25 -0.80 -6.80
N TRP B 38 -31.03 0.19 -7.19
CA TRP B 38 -31.41 0.42 -8.57
C TRP B 38 -30.79 1.72 -9.05
N ILE B 39 -30.09 1.64 -10.19
CA ILE B 39 -29.45 2.78 -10.81
C ILE B 39 -29.90 2.80 -12.29
N ARG B 40 -30.11 3.99 -12.85
CA ARG B 40 -30.49 4.07 -14.27
C ARG B 40 -29.64 5.03 -15.10
N GLN B 41 -29.61 4.78 -16.41
CA GLN B 41 -28.86 5.60 -17.35
C GLN B 41 -29.71 5.93 -18.59
N PRO B 42 -30.20 7.18 -18.70
CA PRO B 42 -30.78 7.58 -19.99
C PRO B 42 -29.68 7.66 -21.06
N SER B 43 -29.99 7.28 -22.31
CA SER B 43 -28.99 7.18 -23.41
C SER B 43 -28.16 8.45 -23.61
N GLY B 44 -26.87 8.29 -23.82
CA GLY B 44 -25.93 9.41 -23.92
C GLY B 44 -25.87 10.33 -22.69
N LYS B 45 -26.55 9.93 -21.62
CA LYS B 45 -26.51 10.68 -20.35
C LYS B 45 -25.92 9.82 -19.22
N GLY B 46 -25.75 10.43 -18.05
CA GLY B 46 -25.02 9.79 -16.95
C GLY B 46 -25.91 8.94 -16.08
N LEU B 47 -25.30 8.13 -15.21
CA LEU B 47 -26.02 7.30 -14.26
C LEU B 47 -26.66 8.14 -13.18
N GLU B 48 -27.78 7.62 -12.67
CA GLU B 48 -28.62 8.28 -11.67
C GLU B 48 -29.09 7.24 -10.68
N TRP B 49 -28.70 7.40 -9.41
CA TRP B 49 -29.18 6.53 -8.34
C TRP B 49 -30.69 6.71 -8.07
N LEU B 50 -31.40 5.60 -7.87
CA LEU B 50 -32.85 5.64 -7.69
C LEU B 50 -33.29 5.28 -6.26
N ALA B 51 -32.80 4.17 -5.74
CA ALA B 51 -33.33 3.58 -4.52
C ALA B 51 -32.43 2.44 -4.16
N HIS B 52 -32.40 2.09 -2.88
CA HIS B 52 -31.78 0.83 -2.47
C HIS B 52 -32.44 0.21 -1.24
N ILE B 53 -32.18 -1.07 -1.00
CA ILE B 53 -32.79 -1.75 0.15
C ILE B 53 -31.76 -2.68 0.80
N TRP B 54 -31.82 -2.79 2.12
CA TRP B 54 -30.94 -3.66 2.87
C TRP B 54 -31.66 -4.90 3.37
N TRP B 55 -30.88 -5.92 3.74
CA TRP B 55 -31.37 -7.15 4.38
C TRP B 55 -32.39 -7.00 5.54
N ASP B 56 -32.35 -5.86 6.25
CA ASP B 56 -33.24 -5.62 7.38
C ASP B 56 -34.37 -4.65 7.04
N ASP B 57 -34.54 -4.44 5.73
CA ASP B 57 -35.63 -3.67 5.16
C ASP B 57 -35.52 -2.16 5.19
N VAL B 58 -34.37 -1.64 5.63
CA VAL B 58 -34.09 -0.21 5.55
C VAL B 58 -33.99 0.15 4.07
N LYS B 59 -34.67 1.23 3.68
CA LYS B 59 -34.77 1.61 2.28
C LYS B 59 -34.43 3.07 2.15
N ARG B 60 -33.80 3.43 1.03
CA ARG B 60 -33.65 4.83 0.69
C ARG B 60 -34.09 5.12 -0.75
N TYR B 61 -34.52 6.35 -1.03
CA TYR B 61 -35.07 6.73 -2.31
C TYR B 61 -34.52 8.07 -2.72
N ASN B 62 -34.22 8.20 -4.01
CA ASN B 62 -33.88 9.50 -4.59
C ASN B 62 -35.03 10.49 -4.43
N PRO B 63 -34.80 11.59 -3.66
CA PRO B 63 -35.84 12.57 -3.35
C PRO B 63 -36.50 13.22 -4.56
N ALA B 64 -35.78 13.30 -5.68
CA ALA B 64 -36.34 13.83 -6.92
C ALA B 64 -37.43 12.93 -7.51
N LEU B 65 -37.45 11.67 -7.07
CA LEU B 65 -38.42 10.69 -7.54
C LEU B 65 -39.20 10.04 -6.40
N LYS B 66 -38.73 10.26 -5.16
CA LYS B 66 -39.26 9.65 -3.92
C LYS B 66 -40.71 9.11 -3.97
N SER B 67 -41.64 9.96 -4.42
CA SER B 67 -43.07 9.64 -4.42
C SER B 67 -43.46 8.55 -5.42
N ARG B 68 -42.76 8.50 -6.56
CA ARG B 68 -43.08 7.55 -7.60
C ARG B 68 -42.50 6.17 -7.35
N LEU B 69 -41.56 6.05 -6.41
CA LEU B 69 -40.83 4.78 -6.22
C LEU B 69 -41.26 3.93 -5.03
N THR B 70 -41.26 2.63 -5.23
CA THR B 70 -41.46 1.65 -4.16
C THR B 70 -40.47 0.53 -4.41
N ILE B 71 -39.60 0.27 -3.43
CA ILE B 71 -38.66 -0.86 -3.50
C ILE B 71 -39.02 -1.94 -2.48
N SER B 72 -38.77 -3.18 -2.84
CA SER B 72 -39.17 -4.34 -2.04
C SER B 72 -38.24 -5.51 -2.27
N LYS B 73 -38.36 -6.51 -1.43
CA LYS B 73 -37.74 -7.80 -1.65
C LYS B 73 -38.73 -8.87 -1.17
N ASP B 74 -38.49 -10.11 -1.59
CA ASP B 74 -39.33 -11.21 -1.12
C ASP B 74 -38.84 -11.72 0.23
N THR B 75 -39.62 -12.59 0.85
CA THR B 75 -39.29 -13.17 2.14
C THR B 75 -38.11 -14.15 2.00
N SER B 76 -37.93 -14.72 0.80
CA SER B 76 -36.76 -15.57 0.53
C SER B 76 -35.51 -14.76 0.19
N GLY B 77 -35.65 -13.42 0.20
CA GLY B 77 -34.57 -12.49 -0.11
C GLY B 77 -33.74 -12.83 -1.33
N SER B 78 -34.38 -13.37 -2.37
CA SER B 78 -33.67 -13.85 -3.57
C SER B 78 -33.96 -12.99 -4.80
N GLN B 79 -34.86 -12.02 -4.63
CA GLN B 79 -35.19 -11.05 -5.68
C GLN B 79 -35.50 -9.72 -5.04
N VAL B 80 -35.27 -8.66 -5.80
CA VAL B 80 -35.60 -7.31 -5.39
C VAL B 80 -36.43 -6.67 -6.50
N PHE B 81 -37.35 -5.79 -6.11
CA PHE B 81 -38.33 -5.22 -7.03
C PHE B 81 -38.35 -3.71 -6.89
N LEU B 82 -38.46 -3.01 -8.02
CA LEU B 82 -38.70 -1.58 -8.04
C LEU B 82 -39.96 -1.28 -8.81
N LYS B 83 -40.78 -0.38 -8.28
CA LYS B 83 -41.94 0.10 -9.00
C LYS B 83 -41.74 1.58 -9.20
N ILE B 84 -42.02 2.05 -10.42
CA ILE B 84 -42.04 3.46 -10.70
C ILE B 84 -43.41 3.81 -11.24
N ALA B 85 -44.15 4.60 -10.46
CA ALA B 85 -45.50 5.01 -10.80
C ALA B 85 -45.45 6.11 -11.82
N SER B 86 -46.53 6.26 -12.59
CA SER B 86 -46.70 7.43 -13.47
C SER B 86 -45.51 7.76 -14.39
N VAL B 87 -44.89 6.75 -15.00
CA VAL B 87 -43.78 6.99 -15.95
C VAL B 87 -44.12 8.03 -17.03
N ASP B 88 -43.12 8.82 -17.41
CA ASP B 88 -43.16 9.57 -18.65
C ASP B 88 -41.90 9.27 -19.46
N THR B 89 -41.77 9.88 -20.63
CA THR B 89 -40.60 9.69 -21.48
C THR B 89 -39.23 9.98 -20.80
N SER B 90 -39.21 10.82 -19.75
CA SER B 90 -37.97 11.03 -18.98
C SER B 90 -37.50 9.75 -18.24
N ASP B 91 -38.38 8.75 -18.16
CA ASP B 91 -38.07 7.49 -17.51
C ASP B 91 -37.53 6.41 -18.44
N THR B 92 -37.32 6.77 -19.71
CA THR B 92 -36.70 5.93 -20.71
C THR B 92 -35.19 5.89 -20.39
N ALA B 93 -34.66 4.69 -20.15
CA ALA B 93 -33.33 4.54 -19.61
C ALA B 93 -32.99 3.07 -19.65
N THR B 94 -31.71 2.73 -19.46
CA THR B 94 -31.27 1.39 -19.06
C THR B 94 -31.26 1.36 -17.56
N TYR B 95 -31.84 0.29 -17.01
CA TYR B 95 -31.98 0.09 -15.57
C TYR B 95 -31.07 -1.02 -15.10
N TYR B 96 -30.28 -0.69 -14.07
CA TYR B 96 -29.32 -1.62 -13.47
C TYR B 96 -29.71 -1.88 -12.03
N CYS B 97 -29.61 -3.14 -11.60
CA CYS B 97 -29.54 -3.40 -10.17
C CYS B 97 -28.10 -3.78 -9.82
N ALA B 98 -27.71 -3.59 -8.57
CA ALA B 98 -26.33 -3.74 -8.16
C ALA B 98 -26.29 -4.00 -6.69
N ARG B 99 -25.33 -4.83 -6.27
CA ARG B 99 -25.11 -5.12 -4.86
C ARG B 99 -24.16 -4.15 -4.16
N MET B 100 -24.52 -3.76 -2.95
CA MET B 100 -23.71 -2.84 -2.15
C MET B 100 -22.47 -3.56 -1.67
N GLY B 101 -21.32 -2.92 -1.81
CA GLY B 101 -20.06 -3.56 -1.41
C GLY B 101 -19.73 -3.45 0.07
N SER B 102 -20.59 -2.75 0.81
CA SER B 102 -20.36 -2.50 2.24
C SER B 102 -21.62 -2.80 3.04
N ASP B 103 -21.45 -2.95 4.36
CA ASP B 103 -22.57 -3.24 5.24
C ASP B 103 -23.29 -1.96 5.70
N TYR B 104 -22.68 -0.81 5.38
CA TYR B 104 -23.32 0.46 5.69
C TYR B 104 -23.20 1.54 4.62
N ASP B 105 -22.16 1.45 3.79
CA ASP B 105 -21.83 2.52 2.85
C ASP B 105 -22.32 2.16 1.45
N VAL B 106 -22.57 3.17 0.62
CA VAL B 106 -23.29 2.96 -0.66
C VAL B 106 -22.40 3.10 -1.89
N TRP B 107 -21.59 2.06 -2.14
CA TRP B 107 -20.91 1.83 -3.43
C TRP B 107 -21.19 0.38 -3.80
N PHE B 108 -21.05 0.04 -5.09
CA PHE B 108 -21.60 -1.21 -5.60
C PHE B 108 -20.55 -2.18 -6.12
N ASP B 109 -20.41 -3.30 -5.42
CA ASP B 109 -19.36 -4.26 -5.78
C ASP B 109 -19.69 -5.17 -6.98
N TYR B 110 -20.99 -5.41 -7.23
CA TYR B 110 -21.42 -6.18 -8.39
C TYR B 110 -22.66 -5.60 -9.02
N TRP B 111 -22.67 -5.56 -10.35
CA TRP B 111 -23.78 -5.01 -11.09
C TRP B 111 -24.43 -5.99 -12.05
N GLY B 112 -25.70 -5.80 -12.32
CA GLY B 112 -26.34 -6.52 -13.40
C GLY B 112 -25.97 -5.93 -14.76
N GLN B 113 -26.33 -6.63 -15.82
CA GLN B 113 -26.02 -6.18 -17.19
C GLN B 113 -26.91 -5.01 -17.62
N GLY B 114 -28.05 -4.84 -16.97
CA GLY B 114 -28.94 -3.71 -17.28
C GLY B 114 -30.03 -4.15 -18.23
N THR B 115 -31.18 -3.49 -18.17
CA THR B 115 -32.27 -3.76 -19.11
C THR B 115 -32.85 -2.43 -19.62
N LEU B 116 -33.12 -2.36 -20.92
CA LEU B 116 -33.67 -1.13 -21.48
C LEU B 116 -35.17 -1.07 -21.26
N VAL B 117 -35.62 0.11 -20.85
CA VAL B 117 -37.03 0.40 -20.75
C VAL B 117 -37.27 1.62 -21.61
N THR B 118 -38.18 1.47 -22.58
CA THR B 118 -38.63 2.58 -23.39
C THR B 118 -40.05 2.92 -22.96
N VAL B 119 -40.28 4.21 -22.72
CA VAL B 119 -41.60 4.70 -22.35
C VAL B 119 -42.03 5.51 -23.55
N SER B 120 -43.03 5.00 -24.27
CA SER B 120 -43.49 5.63 -25.52
C SER B 120 -44.96 5.28 -25.79
N ALA B 121 -45.63 6.13 -26.57
CA ALA B 121 -47.00 5.87 -27.01
C ALA B 121 -47.02 5.08 -28.30
N ALA B 122 -45.91 5.09 -29.03
CA ALA B 122 -45.84 4.40 -30.33
C ALA B 122 -45.98 2.89 -30.15
N SER B 123 -46.53 2.23 -31.17
CA SER B 123 -46.71 0.78 -31.12
C SER B 123 -45.41 0.01 -31.35
N THR B 124 -45.35 -1.17 -30.76
CA THR B 124 -44.25 -2.10 -30.98
C THR B 124 -44.32 -2.66 -32.39
N LYS B 125 -43.18 -2.74 -33.04
CA LYS B 125 -43.11 -3.19 -34.42
C LYS B 125 -41.88 -4.06 -34.61
N GLY B 126 -42.09 -5.25 -35.16
CA GLY B 126 -41.01 -6.21 -35.36
C GLY B 126 -40.31 -5.90 -36.67
N PRO B 127 -39.02 -6.28 -36.78
CA PRO B 127 -38.25 -5.90 -37.95
C PRO B 127 -38.44 -6.85 -39.13
N SER B 128 -38.08 -6.37 -40.32
CA SER B 128 -37.87 -7.23 -41.49
C SER B 128 -36.40 -7.48 -41.61
N VAL B 129 -36.01 -8.67 -42.07
CA VAL B 129 -34.60 -8.98 -42.15
C VAL B 129 -34.26 -9.28 -43.58
N PHE B 130 -33.27 -8.58 -44.10
CA PHE B 130 -32.92 -8.73 -45.47
C PHE B 130 -31.43 -9.11 -45.54
N PRO B 131 -31.05 -9.90 -46.56
CA PRO B 131 -29.67 -10.26 -46.73
C PRO B 131 -28.81 -9.15 -47.34
N LEU B 132 -27.55 -9.12 -46.91
CA LEU B 132 -26.52 -8.33 -47.50
C LEU B 132 -25.58 -9.38 -48.12
N ALA B 133 -25.88 -9.75 -49.37
CA ALA B 133 -25.28 -10.95 -49.95
C ALA B 133 -23.83 -10.70 -50.34
N PRO B 134 -22.94 -11.71 -50.17
CA PRO B 134 -21.54 -11.61 -50.57
C PRO B 134 -21.45 -11.56 -52.10
N SER B 135 -20.50 -10.78 -52.64
CA SER B 135 -20.35 -10.69 -54.10
C SER B 135 -18.89 -10.79 -54.53
N SER B 136 -18.55 -9.93 -55.50
CA SER B 136 -17.19 -9.63 -55.91
C SER B 136 -16.84 -8.24 -55.37
N LYS B 137 -17.87 -7.40 -55.26
CA LYS B 137 -17.72 -6.02 -54.74
C LYS B 137 -17.94 -5.95 -53.20
N SER B 138 -18.13 -7.13 -52.62
CA SER B 138 -17.89 -7.37 -51.20
C SER B 138 -16.89 -8.56 -51.07
N THR B 139 -15.68 -8.39 -51.61
CA THR B 139 -14.67 -9.45 -51.66
C THR B 139 -13.27 -8.89 -52.00
N SER B 140 -12.33 -8.97 -51.04
CA SER B 140 -10.98 -8.41 -51.24
C SER B 140 -9.88 -8.99 -50.34
N GLY B 141 -8.81 -9.48 -50.98
CA GLY B 141 -7.68 -10.10 -50.27
C GLY B 141 -8.01 -11.48 -49.71
N GLY B 142 -8.89 -12.21 -50.40
CA GLY B 142 -9.30 -13.54 -49.97
C GLY B 142 -10.43 -13.52 -48.96
N THR B 143 -10.93 -12.32 -48.65
CA THR B 143 -11.98 -12.11 -47.66
C THR B 143 -13.21 -11.53 -48.35
N ALA B 144 -14.38 -12.05 -47.99
CA ALA B 144 -15.61 -11.46 -48.44
C ALA B 144 -16.39 -11.01 -47.20
N ALA B 145 -17.28 -10.03 -47.39
CA ALA B 145 -18.18 -9.57 -46.34
C ALA B 145 -19.60 -9.91 -46.71
N LEU B 146 -20.40 -10.27 -45.72
CA LEU B 146 -21.83 -10.49 -45.94
C LEU B 146 -22.50 -10.09 -44.67
N GLY B 147 -23.81 -9.94 -44.70
CA GLY B 147 -24.51 -9.55 -43.48
C GLY B 147 -25.99 -9.63 -43.56
N CYS B 148 -26.61 -8.99 -42.57
CA CYS B 148 -28.06 -8.88 -42.48
C CYS B 148 -28.47 -7.45 -42.16
N LEU B 149 -29.52 -6.96 -42.85
CA LEU B 149 -30.09 -5.62 -42.58
C LEU B 149 -31.36 -5.85 -41.79
N VAL B 150 -31.38 -5.35 -40.56
CA VAL B 150 -32.55 -5.51 -39.70
C VAL B 150 -33.28 -4.18 -39.70
N LYS B 151 -34.40 -4.12 -40.41
CA LYS B 151 -35.07 -2.88 -40.76
C LYS B 151 -36.43 -2.71 -40.12
N ASP B 152 -36.69 -1.49 -39.63
CA ASP B 152 -38.02 -0.99 -39.37
C ASP B 152 -38.71 -1.57 -38.13
N TYR B 153 -38.03 -1.50 -36.98
CA TYR B 153 -38.55 -2.03 -35.75
C TYR B 153 -38.64 -0.96 -34.67
N PHE B 154 -39.46 -1.22 -33.65
CA PHE B 154 -39.57 -0.34 -32.48
C PHE B 154 -40.10 -1.16 -31.32
N PRO B 155 -39.58 -0.94 -30.09
CA PRO B 155 -38.44 -0.12 -29.66
C PRO B 155 -37.13 -0.89 -29.80
N GLU B 156 -36.03 -0.28 -29.38
CA GLU B 156 -34.79 -1.02 -29.18
C GLU B 156 -35.05 -1.96 -28.01
N PRO B 157 -34.18 -2.98 -27.83
CA PRO B 157 -33.08 -3.43 -28.66
C PRO B 157 -33.39 -4.63 -29.59
N VAL B 158 -32.44 -4.94 -30.45
CA VAL B 158 -32.44 -6.18 -31.22
C VAL B 158 -31.10 -6.83 -30.92
N THR B 159 -31.07 -8.16 -30.79
CA THR B 159 -29.78 -8.85 -30.82
C THR B 159 -29.58 -9.60 -32.13
N VAL B 160 -28.33 -9.73 -32.55
CA VAL B 160 -28.00 -10.46 -33.75
C VAL B 160 -26.81 -11.36 -33.47
N SER B 161 -26.97 -12.67 -33.71
CA SER B 161 -25.81 -13.59 -33.74
C SER B 161 -25.66 -14.23 -35.14
N TRP B 162 -24.56 -14.94 -35.35
CA TRP B 162 -24.25 -15.56 -36.64
C TRP B 162 -24.06 -17.05 -36.43
N ASN B 163 -24.79 -17.85 -37.20
CA ASN B 163 -24.76 -19.32 -37.07
C ASN B 163 -24.91 -19.83 -35.65
N SER B 164 -25.96 -19.33 -34.99
CA SER B 164 -26.26 -19.54 -33.56
C SER B 164 -25.02 -19.51 -32.67
N GLY B 165 -24.10 -18.59 -32.95
CA GLY B 165 -22.97 -18.35 -32.08
C GLY B 165 -21.75 -19.16 -32.46
N ALA B 166 -21.87 -19.95 -33.53
CA ALA B 166 -20.73 -20.71 -34.06
C ALA B 166 -19.63 -19.84 -34.67
N LEU B 167 -20.02 -18.64 -35.15
CA LEU B 167 -19.12 -17.61 -35.67
C LEU B 167 -18.90 -16.52 -34.66
N THR B 168 -17.66 -16.38 -34.22
CA THR B 168 -17.27 -15.42 -33.19
C THR B 168 -16.50 -14.29 -33.88
N SER B 169 -15.41 -14.67 -34.53
CA SER B 169 -14.51 -13.79 -35.26
C SER B 169 -15.12 -13.13 -36.48
N GLY B 170 -14.83 -11.83 -36.60
CA GLY B 170 -15.14 -11.05 -37.80
C GLY B 170 -16.52 -10.41 -37.84
N VAL B 171 -17.31 -10.60 -36.78
CA VAL B 171 -18.68 -10.07 -36.74
C VAL B 171 -18.64 -8.62 -36.27
N HIS B 172 -19.37 -7.72 -36.94
CA HIS B 172 -19.58 -6.36 -36.43
C HIS B 172 -21.07 -6.10 -36.53
N THR B 173 -21.74 -5.95 -35.36
CA THR B 173 -23.16 -5.56 -35.30
C THR B 173 -23.19 -4.07 -34.92
N PHE B 174 -23.73 -3.24 -35.80
CA PHE B 174 -23.66 -1.79 -35.66
C PHE B 174 -24.73 -1.24 -34.71
N PRO B 175 -24.49 -0.05 -34.09
CA PRO B 175 -25.57 0.66 -33.39
C PRO B 175 -26.76 0.91 -34.32
N ALA B 176 -27.99 0.79 -33.80
CA ALA B 176 -29.16 1.10 -34.63
C ALA B 176 -29.16 2.58 -34.96
N VAL B 177 -29.77 2.94 -36.07
CA VAL B 177 -30.04 4.34 -36.37
C VAL B 177 -31.53 4.53 -36.28
N LEU B 178 -31.94 5.69 -35.78
CA LEU B 178 -33.35 5.97 -35.75
C LEU B 178 -33.62 6.68 -37.05
N GLN B 179 -34.54 6.10 -37.85
CA GLN B 179 -34.83 6.66 -39.17
C GLN B 179 -35.87 7.74 -39.05
N SER B 180 -35.99 8.57 -40.07
CA SER B 180 -36.95 9.68 -40.03
C SER B 180 -38.38 9.21 -39.79
N SER B 181 -38.68 8.00 -40.26
CA SER B 181 -39.97 7.33 -40.00
C SER B 181 -40.24 6.99 -38.53
N GLY B 182 -39.30 7.25 -37.63
CA GLY B 182 -39.52 6.88 -36.24
C GLY B 182 -39.25 5.41 -35.93
N LEU B 183 -38.71 4.69 -36.91
CA LEU B 183 -38.39 3.27 -36.77
C LEU B 183 -36.87 3.11 -36.80
N TYR B 184 -36.36 2.08 -36.14
CA TYR B 184 -34.93 1.80 -36.14
C TYR B 184 -34.55 0.86 -37.26
N SER B 185 -33.27 0.90 -37.61
CA SER B 185 -32.67 -0.01 -38.58
C SER B 185 -31.27 -0.29 -38.07
N LEU B 186 -30.85 -1.56 -38.12
CA LEU B 186 -29.45 -1.88 -37.88
C LEU B 186 -28.84 -2.87 -38.90
N SER B 187 -27.52 -2.79 -39.06
CA SER B 187 -26.78 -3.78 -39.84
C SER B 187 -25.86 -4.64 -38.95
N SER B 188 -25.73 -5.92 -39.32
CA SER B 188 -24.75 -6.83 -38.72
C SER B 188 -24.02 -7.43 -39.89
N VAL B 189 -22.69 -7.43 -39.82
CA VAL B 189 -21.88 -8.04 -40.87
C VAL B 189 -20.91 -9.07 -40.30
N VAL B 190 -20.39 -9.91 -41.18
CA VAL B 190 -19.34 -10.87 -40.81
C VAL B 190 -18.43 -10.95 -42.04
N THR B 191 -17.12 -10.90 -41.84
CA THR B 191 -16.17 -11.10 -42.93
C THR B 191 -15.67 -12.54 -42.81
N VAL B 192 -15.50 -13.20 -43.95
CA VAL B 192 -15.26 -14.63 -44.04
C VAL B 192 -14.37 -14.93 -45.25
N PRO B 193 -13.71 -16.10 -45.29
CA PRO B 193 -12.96 -16.46 -46.51
C PRO B 193 -13.81 -16.50 -47.78
N SER B 194 -13.35 -15.87 -48.85
CA SER B 194 -14.04 -15.89 -50.16
C SER B 194 -14.14 -17.30 -50.74
N SER B 195 -13.07 -18.09 -50.62
CA SER B 195 -12.98 -19.41 -51.29
C SER B 195 -13.99 -20.44 -50.78
N SER B 196 -14.47 -20.26 -49.56
CA SER B 196 -15.46 -21.19 -48.97
C SER B 196 -16.94 -20.78 -49.15
N LEU B 197 -17.21 -19.68 -49.88
CA LEU B 197 -18.59 -19.20 -50.02
C LEU B 197 -19.48 -20.24 -50.67
N GLY B 198 -18.92 -21.07 -51.53
CA GLY B 198 -19.69 -22.17 -52.15
C GLY B 198 -20.09 -23.29 -51.19
N THR B 199 -19.40 -23.42 -50.05
CA THR B 199 -19.56 -24.61 -49.20
C THR B 199 -19.81 -24.33 -47.72
N GLN B 200 -20.13 -23.10 -47.39
CA GLN B 200 -20.45 -22.74 -46.02
C GLN B 200 -21.78 -22.01 -46.01
N THR B 201 -22.54 -22.21 -44.92
CA THR B 201 -23.88 -21.64 -44.80
C THR B 201 -23.81 -20.59 -43.73
N TYR B 202 -24.38 -19.42 -44.03
CA TYR B 202 -24.36 -18.31 -43.08
C TYR B 202 -25.79 -17.91 -42.76
N ILE B 203 -26.10 -17.92 -41.47
CA ILE B 203 -27.44 -17.62 -40.96
C ILE B 203 -27.31 -16.52 -39.89
N CYS B 204 -28.01 -15.39 -40.06
CA CYS B 204 -28.06 -14.42 -38.96
C CYS B 204 -29.28 -14.68 -38.10
N ASN B 205 -29.07 -14.77 -36.79
CA ASN B 205 -30.16 -15.01 -35.85
C ASN B 205 -30.50 -13.70 -35.21
N VAL B 206 -31.68 -13.20 -35.56
CA VAL B 206 -32.17 -11.92 -35.10
C VAL B 206 -33.28 -12.13 -34.06
N ASN B 207 -33.24 -11.33 -32.99
CA ASN B 207 -34.31 -11.39 -31.99
C ASN B 207 -34.73 -9.97 -31.57
N HIS B 208 -36.01 -9.66 -31.74
CA HIS B 208 -36.61 -8.43 -31.21
C HIS B 208 -37.64 -8.82 -30.13
N LYS B 209 -37.23 -8.86 -28.87
CA LYS B 209 -38.12 -9.32 -27.79
C LYS B 209 -39.41 -8.53 -27.67
N PRO B 210 -39.34 -7.18 -27.74
CA PRO B 210 -40.58 -6.40 -27.53
C PRO B 210 -41.76 -6.85 -28.40
N SER B 211 -41.49 -7.26 -29.64
CA SER B 211 -42.56 -7.69 -30.55
C SER B 211 -42.70 -9.23 -30.58
N ASN B 212 -41.85 -9.93 -29.84
CA ASN B 212 -41.71 -11.39 -29.96
C ASN B 212 -41.37 -11.85 -31.40
N THR B 213 -40.39 -11.18 -32.02
CA THR B 213 -40.03 -11.47 -33.39
C THR B 213 -38.66 -12.09 -33.42
N LYS B 214 -38.60 -13.37 -33.77
CA LYS B 214 -37.35 -14.08 -34.01
C LYS B 214 -37.29 -14.49 -35.45
N VAL B 215 -36.16 -14.21 -36.09
CA VAL B 215 -35.93 -14.57 -37.48
C VAL B 215 -34.51 -15.15 -37.65
N ASP B 216 -34.40 -16.34 -38.25
CA ASP B 216 -33.10 -16.83 -38.77
C ASP B 216 -33.10 -16.67 -40.29
N LYS B 217 -32.18 -15.83 -40.80
CA LYS B 217 -32.16 -15.53 -42.24
C LYS B 217 -30.87 -16.12 -42.83
N LYS B 218 -31.00 -17.00 -43.83
CA LYS B 218 -29.83 -17.47 -44.60
C LYS B 218 -29.38 -16.36 -45.56
N VAL B 219 -28.06 -16.11 -45.58
CA VAL B 219 -27.44 -15.21 -46.53
C VAL B 219 -26.47 -15.92 -47.48
N GLU B 220 -26.78 -15.86 -48.77
CA GLU B 220 -26.15 -16.66 -49.82
C GLU B 220 -25.60 -15.75 -50.92
N PRO B 221 -24.54 -16.18 -51.63
CA PRO B 221 -24.24 -15.43 -52.85
C PRO B 221 -25.44 -15.34 -53.81
N LYS B 222 -25.65 -14.15 -54.38
CA LYS B 222 -26.65 -13.82 -55.43
C LYS B 222 -27.82 -12.87 -55.05
N SER B 223 -28.30 -12.14 -56.06
CA SER B 223 -29.35 -11.09 -55.97
C SER B 223 -29.03 -9.90 -55.03
N SER C 7 -24.58 12.28 7.82
CA SER C 7 -23.75 12.87 8.91
C SER C 7 -22.26 12.48 8.79
N THR C 8 -21.40 13.48 8.59
CA THR C 8 -19.94 13.30 8.67
C THR C 8 -19.51 12.89 10.07
N ALA C 9 -20.15 13.47 11.08
CA ALA C 9 -19.85 13.19 12.48
C ALA C 9 -20.13 11.73 12.77
N LEU C 10 -21.30 11.27 12.34
CA LEU C 10 -21.70 9.88 12.48
C LEU C 10 -20.73 8.93 11.78
N ARG C 11 -20.34 9.29 10.56
CA ARG C 11 -19.39 8.46 9.81
C ARG C 11 -18.03 8.38 10.50
N GLU C 12 -17.55 9.53 10.98
CA GLU C 12 -16.30 9.59 11.73
C GLU C 12 -16.34 8.67 12.93
N LEU C 13 -17.46 8.69 13.67
CA LEU C 13 -17.59 7.85 14.86
C LEU C 13 -17.57 6.36 14.50
N ILE C 14 -18.38 5.98 13.53
CA ILE C 14 -18.37 4.61 12.99
C ILE C 14 -16.95 4.22 12.61
N GLU C 15 -16.28 5.09 11.84
CA GLU C 15 -14.88 4.82 11.48
C GLU C 15 -13.94 4.64 12.68
N GLU C 16 -14.14 5.43 13.73
CA GLU C 16 -13.30 5.30 14.94
C GLU C 16 -13.58 3.99 15.66
N LEU C 17 -14.86 3.62 15.76
CA LEU C 17 -15.22 2.32 16.36
C LEU C 17 -14.65 1.15 15.58
N VAL C 18 -14.79 1.18 14.25
CA VAL C 18 -14.16 0.19 13.35
C VAL C 18 -12.65 0.12 13.63
N ASN C 19 -11.98 1.27 13.69
CA ASN C 19 -10.54 1.29 13.98
C ASN C 19 -10.20 0.65 15.32
N ILE C 20 -10.93 1.01 16.38
CA ILE C 20 -10.56 0.58 17.72
C ILE C 20 -10.96 -0.86 18.06
N THR C 21 -11.89 -1.43 17.31
CA THR C 21 -12.32 -2.81 17.55
C THR C 21 -11.86 -3.79 16.48
N GLN C 22 -11.02 -3.34 15.55
CA GLN C 22 -10.50 -4.24 14.49
C GLN C 22 -9.57 -5.33 15.04
N ALA C 26 -6.35 -6.30 19.01
CA ALA C 26 -6.28 -5.30 20.09
C ALA C 26 -7.60 -5.25 20.87
N PRO C 27 -7.71 -6.03 21.96
CA PRO C 27 -8.94 -6.09 22.77
C PRO C 27 -9.24 -4.79 23.53
N LEU C 28 -10.25 -4.07 23.05
CA LEU C 28 -10.45 -2.62 23.30
C LEU C 28 -10.03 -2.07 24.65
N CYS C 29 -10.79 -2.33 25.70
CA CYS C 29 -10.38 -1.83 27.00
C CYS C 29 -10.09 -2.97 27.96
N ASN C 30 -9.05 -3.73 27.59
CA ASN C 30 -8.24 -4.59 28.48
C ASN C 30 -8.85 -5.08 29.82
N GLY C 31 -10.00 -5.75 29.77
CA GLY C 31 -10.62 -6.30 30.99
C GLY C 31 -11.38 -5.28 31.83
N SER C 32 -12.05 -4.36 31.14
CA SER C 32 -12.99 -3.46 31.77
C SER C 32 -14.36 -3.90 31.32
N MET C 33 -15.32 -3.84 32.25
CA MET C 33 -16.69 -4.24 32.00
C MET C 33 -17.62 -3.04 32.17
N VAL C 34 -18.61 -2.94 31.30
CA VAL C 34 -19.69 -1.95 31.46
C VAL C 34 -21.03 -2.67 31.50
N TRP C 35 -22.05 -1.96 31.98
CA TRP C 35 -23.43 -2.44 31.95
C TRP C 35 -24.01 -2.22 30.55
N SER C 36 -24.79 -3.18 30.08
CA SER C 36 -25.60 -3.01 28.86
C SER C 36 -26.72 -2.01 29.09
N ILE C 37 -27.34 -1.55 28.01
CA ILE C 37 -28.53 -0.69 28.09
C ILE C 37 -29.42 -0.92 26.88
N ASN C 38 -30.61 -0.35 26.92
CA ASN C 38 -31.39 -0.18 25.71
C ASN C 38 -30.73 0.94 24.91
N LEU C 39 -30.10 0.55 23.80
CA LEU C 39 -29.53 1.54 22.88
C LEU C 39 -30.54 1.99 21.82
N THR C 40 -31.72 1.40 21.77
CA THR C 40 -32.73 1.81 20.78
C THR C 40 -33.46 3.10 21.18
N ALA C 41 -33.24 3.52 22.42
CA ALA C 41 -33.87 4.71 22.99
C ALA C 41 -32.81 5.71 23.50
N GLY C 42 -32.69 6.85 22.82
CA GLY C 42 -31.60 7.82 23.10
C GLY C 42 -30.24 7.13 23.10
N MET C 43 -29.94 6.48 21.97
CA MET C 43 -28.71 5.71 21.77
C MET C 43 -27.39 6.39 22.20
N TYR C 44 -27.17 7.60 21.70
CA TYR C 44 -25.90 8.30 21.88
C TYR C 44 -25.60 8.60 23.35
N CYS C 45 -26.57 9.18 24.05
CA CYS C 45 -26.42 9.54 25.47
C CYS C 45 -26.28 8.28 26.31
N ALA C 46 -27.11 7.27 25.99
CA ALA C 46 -27.05 5.95 26.64
C ALA C 46 -25.66 5.33 26.56
N ALA C 47 -25.09 5.34 25.36
CA ALA C 47 -23.74 4.81 25.15
C ALA C 47 -22.67 5.62 25.88
N LEU C 48 -22.80 6.94 25.87
CA LEU C 48 -21.86 7.76 26.63
C LEU C 48 -22.01 7.51 28.13
N GLU C 49 -23.25 7.48 28.63
CA GLU C 49 -23.51 7.18 30.05
C GLU C 49 -22.84 5.88 30.47
N SER C 50 -22.98 4.84 29.63
CA SER C 50 -22.43 3.50 29.92
C SER C 50 -20.92 3.43 29.72
N LEU C 51 -20.35 4.39 28.98
CA LEU C 51 -18.91 4.34 28.71
C LEU C 51 -18.08 5.39 29.45
N ILE C 52 -18.75 6.36 30.05
CA ILE C 52 -18.06 7.49 30.68
C ILE C 52 -17.18 7.12 31.90
N ASN C 53 -17.43 5.95 32.49
CA ASN C 53 -16.75 5.58 33.74
C ASN C 53 -15.60 4.57 33.60
N VAL C 54 -15.31 4.17 32.36
CA VAL C 54 -14.12 3.36 32.03
C VAL C 54 -12.84 4.19 32.33
N SER C 55 -12.02 3.73 33.27
CA SER C 55 -11.04 4.67 33.87
C SER C 55 -9.56 4.62 33.44
N GLY C 56 -9.13 3.51 32.84
CA GLY C 56 -7.71 3.37 32.46
C GLY C 56 -7.46 2.97 31.03
N CYS C 57 -8.31 3.48 30.13
CA CYS C 57 -8.26 3.07 28.74
C CYS C 57 -8.21 4.29 27.85
N SER C 58 -7.01 4.66 27.38
CA SER C 58 -6.87 5.83 26.51
C SER C 58 -7.48 5.61 25.11
N ALA C 59 -7.60 4.35 24.71
CA ALA C 59 -8.15 4.00 23.40
C ALA C 59 -9.62 4.44 23.22
N ILE C 60 -10.31 4.67 24.32
CA ILE C 60 -11.74 4.99 24.29
C ILE C 60 -12.03 6.50 24.42
N GLU C 61 -10.98 7.29 24.69
CA GLU C 61 -11.16 8.73 24.93
C GLU C 61 -11.78 9.47 23.74
N LYS C 62 -11.22 9.28 22.55
CA LYS C 62 -11.77 9.92 21.34
C LYS C 62 -13.23 9.52 21.14
N THR C 63 -13.52 8.23 21.29
CA THR C 63 -14.89 7.73 21.27
C THR C 63 -15.80 8.51 22.22
N GLN C 64 -15.40 8.63 23.49
CA GLN C 64 -16.17 9.41 24.47
C GLN C 64 -16.43 10.85 23.99
N ARG C 65 -15.39 11.52 23.49
CA ARG C 65 -15.55 12.89 22.97
C ARG C 65 -16.51 12.95 21.79
N MET C 66 -16.32 12.04 20.84
CA MET C 66 -17.20 11.94 19.68
C MET C 66 -18.65 11.68 20.08
N LEU C 67 -18.89 10.83 21.07
CA LEU C 67 -20.26 10.61 21.52
C LEU C 67 -20.87 11.88 22.16
N SER C 68 -20.04 12.71 22.80
CA SER C 68 -20.56 13.92 23.47
C SER C 68 -21.13 14.93 22.49
N GLY C 69 -20.69 14.85 21.25
CA GLY C 69 -21.16 15.73 20.21
C GLY C 69 -22.58 15.46 19.81
N PHE C 70 -23.06 14.24 20.04
CA PHE C 70 -24.45 13.86 19.71
C PHE C 70 -25.44 13.94 20.87
N CYS C 71 -24.96 14.05 22.10
CA CYS C 71 -25.84 14.11 23.26
C CYS C 71 -26.14 15.58 23.57
N PRO C 72 -27.44 15.95 23.73
CA PRO C 72 -27.80 17.34 23.99
C PRO C 72 -27.75 17.76 25.47
N HIS C 73 -27.12 16.95 26.31
CA HIS C 73 -26.82 17.34 27.68
C HIS C 73 -25.42 16.81 28.03
N LYS C 74 -24.78 17.42 29.02
CA LYS C 74 -23.44 16.99 29.45
C LYS C 74 -23.48 15.65 30.18
N VAL C 75 -22.56 14.75 29.87
CA VAL C 75 -22.49 13.45 30.55
C VAL C 75 -21.25 13.36 31.45
N SER C 76 -21.49 13.34 32.76
CA SER C 76 -20.42 13.38 33.78
C SER C 76 -20.18 12.00 34.34
N ALA C 77 -18.92 11.75 34.73
CA ALA C 77 -18.54 10.50 35.41
C ALA C 77 -19.05 10.47 36.85
N GLY C 78 -19.13 9.27 37.42
CA GLY C 78 -19.52 9.06 38.80
C GLY C 78 -20.99 9.30 39.14
N GLN C 79 -21.88 9.31 38.15
CA GLN C 79 -23.30 9.61 38.43
C GLN C 79 -24.09 8.35 38.69
N PHE C 80 -25.14 8.47 39.49
CA PHE C 80 -26.02 7.34 39.78
C PHE C 80 -27.03 7.11 38.64
N SER C 81 -27.19 5.85 38.23
CA SER C 81 -28.21 5.46 37.26
C SER C 81 -29.22 4.52 37.93
N SER C 82 -28.75 3.34 38.32
CA SER C 82 -29.55 2.36 39.03
C SER C 82 -28.60 1.34 39.63
N LEU C 83 -29.12 0.29 40.28
CA LEU C 83 -28.27 -0.84 40.68
C LEU C 83 -28.22 -1.94 39.61
N HIS C 84 -28.77 -1.62 38.43
CA HIS C 84 -28.64 -2.43 37.21
C HIS C 84 -29.05 -3.90 37.39
N VAL C 85 -30.25 -4.09 37.95
CA VAL C 85 -30.73 -5.42 38.36
C VAL C 85 -31.00 -6.37 37.20
N ARG C 86 -31.69 -5.87 36.17
CA ARG C 86 -31.90 -6.67 34.96
C ARG C 86 -30.71 -6.57 34.00
N ASP C 87 -29.95 -5.47 34.12
CA ASP C 87 -28.72 -5.25 33.35
C ASP C 87 -27.66 -6.30 33.64
N THR C 88 -26.56 -6.25 32.88
CA THR C 88 -25.56 -7.31 32.89
C THR C 88 -24.19 -6.73 32.49
N LYS C 89 -23.14 -7.15 33.19
CA LYS C 89 -21.78 -6.68 32.90
C LYS C 89 -21.18 -7.41 31.70
N ILE C 90 -20.73 -6.62 30.72
CA ILE C 90 -20.09 -7.14 29.51
C ILE C 90 -18.79 -6.41 29.25
N GLU C 91 -17.94 -6.98 28.37
CA GLU C 91 -16.68 -6.35 28.00
C GLU C 91 -16.94 -5.08 27.22
N VAL C 92 -16.09 -4.07 27.39
CA VAL C 92 -16.21 -2.84 26.61
C VAL C 92 -16.30 -3.15 25.11
N ALA C 93 -15.46 -4.08 24.64
CA ALA C 93 -15.43 -4.45 23.22
C ALA C 93 -16.76 -4.94 22.69
N GLN C 94 -17.48 -5.74 23.49
CA GLN C 94 -18.80 -6.26 23.12
C GLN C 94 -19.79 -5.13 23.04
N PHE C 95 -19.71 -4.23 24.02
CA PHE C 95 -20.57 -3.08 24.07
C PHE C 95 -20.35 -2.24 22.84
N VAL C 96 -19.09 -1.90 22.56
CA VAL C 96 -18.75 -1.04 21.44
C VAL C 96 -19.13 -1.68 20.09
N LYS C 97 -18.88 -2.98 19.92
CA LYS C 97 -19.33 -3.70 18.71
C LYS C 97 -20.86 -3.69 18.53
N ASP C 98 -21.60 -3.79 19.63
CA ASP C 98 -23.06 -3.63 19.63
C ASP C 98 -23.48 -2.23 19.19
N LEU C 99 -22.89 -1.23 19.85
CA LEU C 99 -23.04 0.18 19.50
C LEU C 99 -22.78 0.43 18.01
N LEU C 100 -21.68 -0.12 17.51
CA LEU C 100 -21.37 0.01 16.08
C LEU C 100 -22.53 -0.43 15.14
N LEU C 101 -23.11 -1.61 15.40
CA LEU C 101 -24.27 -2.10 14.64
C LEU C 101 -25.43 -1.10 14.61
N HIS C 102 -25.77 -0.54 15.77
CA HIS C 102 -26.83 0.44 15.91
C HIS C 102 -26.52 1.74 15.17
N LEU C 103 -25.26 2.13 15.18
CA LEU C 103 -24.82 3.35 14.51
C LEU C 103 -24.88 3.16 12.99
N LYS C 104 -24.43 2.00 12.51
CA LYS C 104 -24.49 1.67 11.06
C LYS C 104 -25.91 1.72 10.55
N LYS C 105 -26.85 1.21 11.33
CA LYS C 105 -28.27 1.28 10.95
C LYS C 105 -28.79 2.72 10.85
N LEU C 106 -28.45 3.56 11.82
CA LEU C 106 -28.84 4.97 11.75
C LEU C 106 -28.22 5.65 10.53
N PHE C 107 -27.01 5.24 10.18
CA PHE C 107 -26.31 5.78 9.02
C PHE C 107 -27.12 5.38 7.80
N ARG C 108 -27.46 4.09 7.75
CA ARG C 108 -28.15 3.48 6.62
C ARG C 108 -29.54 4.04 6.46
N GLU C 109 -30.20 4.32 7.60
CA GLU C 109 -31.52 4.97 7.63
C GLU C 109 -31.49 6.40 7.21
N GLY C 110 -30.40 7.09 7.51
CA GLY C 110 -30.27 8.50 7.18
C GLY C 110 -30.59 9.40 8.35
N ASP D 1 17.63 17.38 33.27
CA ASP D 1 18.74 16.42 33.59
C ASP D 1 19.91 16.56 32.61
N VAL D 2 20.99 15.82 32.87
CA VAL D 2 22.25 16.00 32.18
C VAL D 2 22.10 15.89 30.66
N GLN D 3 22.64 16.88 29.95
CA GLN D 3 22.80 16.79 28.50
C GLN D 3 24.27 16.63 28.17
N ILE D 4 24.57 15.80 27.18
CA ILE D 4 25.94 15.54 26.77
C ILE D 4 26.11 16.00 25.33
N THR D 5 27.05 16.92 25.13
CA THR D 5 27.40 17.37 23.79
C THR D 5 28.67 16.65 23.35
N GLN D 6 28.55 15.83 22.32
CA GLN D 6 29.71 15.14 21.78
C GLN D 6 30.23 15.78 20.50
N SER D 7 31.52 16.06 20.51
CA SER D 7 32.21 16.79 19.46
C SER D 7 33.55 16.09 19.13
N PRO D 8 33.89 15.98 17.82
CA PRO D 8 33.04 16.40 16.68
C PRO D 8 32.05 15.29 16.33
N SER D 9 31.19 15.52 15.34
CA SER D 9 30.17 14.55 15.00
C SER D 9 30.66 13.55 13.96
N TYR D 10 31.67 13.96 13.20
CA TYR D 10 32.30 13.11 12.18
C TYR D 10 33.78 13.48 12.16
N LEU D 11 34.61 12.53 11.76
CA LEU D 11 36.05 12.75 11.62
C LEU D 11 36.66 11.68 10.72
N ALA D 12 37.67 12.07 9.93
CA ALA D 12 38.45 11.13 9.13
C ALA D 12 39.91 11.19 9.56
N ALA D 13 40.56 10.02 9.61
CA ALA D 13 41.98 9.93 9.94
C ALA D 13 42.62 8.72 9.24
N SER D 14 43.95 8.66 9.30
CA SER D 14 44.74 7.57 8.75
C SER D 14 45.33 6.68 9.83
N PRO D 15 45.60 5.39 9.49
CA PRO D 15 46.30 4.53 10.43
C PRO D 15 47.60 5.18 10.89
N GLY D 16 47.95 4.94 12.15
CA GLY D 16 49.13 5.57 12.75
C GLY D 16 48.82 6.90 13.40
N GLU D 17 47.72 7.53 13.03
CA GLU D 17 47.39 8.84 13.62
C GLU D 17 46.71 8.71 14.97
N THR D 18 46.54 9.87 15.62
CA THR D 18 45.87 9.99 16.89
C THR D 18 44.72 10.94 16.69
N ILE D 19 43.59 10.61 17.30
CA ILE D 19 42.44 11.49 17.29
C ILE D 19 41.93 11.60 18.70
N THR D 20 41.18 12.65 18.95
CA THR D 20 40.50 12.82 20.22
C THR D 20 39.02 13.17 19.98
N LEU D 21 38.18 12.68 20.89
CA LEU D 21 36.74 12.91 20.88
C LEU D 21 36.41 13.59 22.18
N ASN D 22 35.48 14.54 22.17
CA ASN D 22 35.10 15.30 23.37
C ASN D 22 33.66 15.06 23.70
N CYS D 23 33.39 14.83 24.98
CA CYS D 23 32.01 14.85 25.48
C CYS D 23 31.94 15.83 26.61
N ARG D 24 30.97 16.73 26.52
CA ARG D 24 30.83 17.77 27.53
C ARG D 24 29.50 17.61 28.24
N ALA D 25 29.51 17.47 29.57
CA ALA D 25 28.26 17.37 30.34
C ALA D 25 27.74 18.75 30.76
N SER D 26 26.42 18.92 30.78
CA SER D 26 25.79 20.16 31.27
C SER D 26 26.06 20.46 32.77
N LYS D 27 26.12 19.41 33.58
CA LYS D 27 26.51 19.53 34.99
C LYS D 27 27.56 18.47 35.24
N SER D 28 28.27 18.60 36.36
CA SER D 28 29.25 17.60 36.74
C SER D 28 28.62 16.21 36.78
N ILE D 29 29.39 15.23 36.30
CA ILE D 29 29.00 13.83 36.35
C ILE D 29 30.13 13.10 37.02
N SER D 30 30.82 13.84 37.91
CA SER D 30 32.00 13.35 38.57
C SER D 30 32.93 12.75 37.51
N LYS D 31 33.29 11.48 37.63
CA LYS D 31 34.14 10.85 36.62
C LYS D 31 33.41 9.73 35.86
N TYR D 32 32.08 9.73 35.99
CA TYR D 32 31.28 8.59 35.55
C TYR D 32 30.80 8.78 34.12
N LEU D 33 31.75 8.53 33.21
CA LEU D 33 31.48 8.53 31.77
C LEU D 33 32.05 7.25 31.17
N ALA D 34 31.23 6.60 30.34
CA ALA D 34 31.62 5.41 29.62
C ALA D 34 31.77 5.74 28.15
N TRP D 35 32.65 4.98 27.48
CA TRP D 35 32.81 5.10 26.04
C TRP D 35 32.48 3.75 25.41
N TYR D 36 31.76 3.82 24.28
CA TYR D 36 31.43 2.66 23.46
C TYR D 36 31.83 2.84 22.01
N GLN D 37 32.02 1.70 21.36
CA GLN D 37 32.42 1.60 19.97
C GLN D 37 31.43 0.68 19.25
N GLU D 38 30.81 1.23 18.22
CA GLU D 38 29.82 0.56 17.38
C GLU D 38 30.43 0.33 16.00
N LYS D 39 31.03 -0.85 15.77
CA LYS D 39 31.61 -1.22 14.46
C LYS D 39 30.49 -1.77 13.57
N PRO D 40 30.57 -1.54 12.23
CA PRO D 40 29.55 -2.00 11.26
C PRO D 40 29.19 -3.48 11.43
N GLY D 41 27.90 -3.79 11.49
CA GLY D 41 27.49 -5.19 11.70
C GLY D 41 27.75 -5.81 13.09
N LYS D 42 28.28 -5.02 14.02
CA LYS D 42 28.56 -5.53 15.36
C LYS D 42 27.69 -4.91 16.43
N THR D 43 27.60 -5.61 17.57
CA THR D 43 26.93 -5.04 18.75
C THR D 43 27.88 -4.00 19.35
N ASN D 44 27.31 -3.02 20.07
CA ASN D 44 28.10 -2.00 20.77
C ASN D 44 29.08 -2.63 21.73
N LYS D 45 30.33 -2.17 21.65
CA LYS D 45 31.39 -2.66 22.52
C LYS D 45 31.79 -1.58 23.51
N LEU D 46 31.80 -1.95 24.79
CA LEU D 46 32.22 -1.07 25.86
C LEU D 46 33.72 -0.99 25.86
N LEU D 47 34.24 0.24 25.83
CA LEU D 47 35.68 0.52 25.84
C LEU D 47 36.19 0.90 27.23
N ILE D 48 35.51 1.85 27.85
CA ILE D 48 36.02 2.55 29.03
C ILE D 48 34.84 2.83 29.93
N TYR D 49 34.99 2.63 31.23
CA TYR D 49 33.98 3.10 32.17
C TYR D 49 34.65 3.97 33.24
N SER D 50 33.86 4.77 33.95
CA SER D 50 34.34 5.66 35.00
C SER D 50 35.51 6.53 34.57
N GLY D 51 35.30 7.21 33.44
CA GLY D 51 36.27 8.20 32.95
C GLY D 51 37.42 7.57 32.19
N SER D 52 38.11 6.65 32.86
CA SER D 52 39.45 6.20 32.47
C SER D 52 39.68 4.71 32.61
N THR D 53 38.73 3.97 33.17
CA THR D 53 38.93 2.52 33.34
C THR D 53 38.72 1.74 32.02
N LEU D 54 39.82 1.20 31.50
CA LEU D 54 39.84 0.32 30.35
C LEU D 54 39.12 -0.98 30.64
N GLN D 55 38.19 -1.33 29.77
CA GLN D 55 37.55 -2.63 29.86
C GLN D 55 38.58 -3.72 29.53
N SER D 56 38.42 -4.89 30.14
CA SER D 56 39.21 -6.06 29.81
C SER D 56 39.17 -6.38 28.32
N GLY D 57 40.34 -6.63 27.75
CA GLY D 57 40.49 -7.02 26.36
C GLY D 57 40.58 -5.86 25.38
N ILE D 58 40.51 -4.63 25.88
CA ILE D 58 40.60 -3.45 25.04
C ILE D 58 42.05 -2.94 25.02
N PRO D 59 42.64 -2.71 23.83
CA PRO D 59 44.04 -2.25 23.82
C PRO D 59 44.24 -0.89 24.48
N SER D 60 45.42 -0.68 25.06
CA SER D 60 45.69 0.56 25.81
C SER D 60 45.70 1.83 24.96
N ARG D 61 45.75 1.68 23.64
CA ARG D 61 45.72 2.85 22.74
C ARG D 61 44.41 3.65 22.81
N PHE D 62 43.36 3.02 23.37
CA PHE D 62 42.11 3.72 23.72
C PHE D 62 42.26 4.19 25.17
N SER D 63 42.30 5.51 25.39
CA SER D 63 42.30 5.98 26.77
C SER D 63 41.38 7.16 27.03
N GLY D 64 40.68 7.08 28.16
CA GLY D 64 39.70 8.10 28.54
C GLY D 64 40.35 8.99 29.59
N SER D 65 39.99 10.27 29.57
CA SER D 65 40.58 11.31 30.39
C SER D 65 39.40 12.15 30.81
N GLY D 66 39.48 12.79 31.96
CA GLY D 66 38.50 13.80 32.33
C GLY D 66 37.77 13.50 33.63
N SER D 67 37.16 14.56 34.16
CA SER D 67 36.36 14.53 35.38
C SER D 67 35.51 15.79 35.34
N GLY D 68 34.35 15.75 35.97
CA GLY D 68 33.49 16.92 36.07
C GLY D 68 32.54 17.05 34.90
N THR D 69 32.92 17.91 33.95
CA THR D 69 32.09 18.26 32.80
C THR D 69 32.81 17.99 31.47
N ASP D 70 34.10 17.70 31.50
CA ASP D 70 34.89 17.71 30.26
C ASP D 70 35.73 16.45 30.04
N PHE D 71 35.30 15.60 29.10
CA PHE D 71 35.96 14.31 28.93
C PHE D 71 36.50 14.10 27.52
N THR D 72 37.56 13.30 27.39
CA THR D 72 38.04 12.99 26.04
C THR D 72 38.41 11.54 25.92
N LEU D 73 38.22 11.02 24.71
CA LEU D 73 38.65 9.69 24.37
C LEU D 73 39.75 9.93 23.38
N THR D 74 40.92 9.39 23.68
CA THR D 74 42.03 9.48 22.76
C THR D 74 42.23 8.11 22.17
N ILE D 75 42.27 8.02 20.84
CA ILE D 75 42.68 6.79 20.23
C ILE D 75 43.96 7.08 19.46
N SER D 76 45.05 6.46 19.89
CA SER D 76 46.34 6.68 19.27
C SER D 76 46.76 5.47 18.45
N SER D 77 47.74 5.65 17.56
CA SER D 77 48.22 4.57 16.71
C SER D 77 47.02 3.89 16.03
N LEU D 78 46.12 4.69 15.44
CA LEU D 78 44.91 4.13 14.80
C LEU D 78 45.22 2.95 13.86
N GLU D 79 44.36 1.94 13.89
CA GLU D 79 44.49 0.79 12.98
C GLU D 79 43.38 0.85 11.95
N PRO D 80 43.59 0.23 10.76
CA PRO D 80 42.58 0.30 9.70
C PRO D 80 41.16 -0.02 10.18
N GLU D 81 41.04 -0.98 11.10
CA GLU D 81 39.76 -1.48 11.57
C GLU D 81 39.10 -0.64 12.65
N ASP D 82 39.73 0.48 13.01
CA ASP D 82 39.17 1.34 14.07
C ASP D 82 37.97 2.19 13.65
N PHE D 83 37.56 2.09 12.38
CA PHE D 83 36.37 2.82 11.95
C PHE D 83 35.12 2.30 12.68
N ALA D 84 34.34 3.23 13.19
CA ALA D 84 33.22 2.91 14.05
C ALA D 84 32.47 4.19 14.39
N MET D 85 31.28 4.04 14.95
CA MET D 85 30.62 5.11 15.67
C MET D 85 31.06 4.92 17.12
N TYR D 86 31.66 5.96 17.68
CA TYR D 86 32.06 6.00 19.08
C TYR D 86 31.13 6.97 19.79
N PHE D 87 30.63 6.57 20.96
CA PHE D 87 29.75 7.44 21.73
C PHE D 87 29.98 7.31 23.22
N CYS D 88 29.69 8.38 23.93
CA CYS D 88 29.90 8.38 25.37
C CYS D 88 28.51 8.28 26.05
N GLN D 89 28.53 7.97 27.35
CA GLN D 89 27.34 7.83 28.15
C GLN D 89 27.69 8.18 29.60
N GLN D 90 26.99 9.12 30.21
CA GLN D 90 27.16 9.31 31.66
C GLN D 90 26.38 8.26 32.47
N HIS D 91 27.06 7.72 33.47
CA HIS D 91 26.42 6.85 34.40
C HIS D 91 26.57 7.38 35.84
N ASN D 92 26.54 8.71 35.97
CA ASN D 92 26.56 9.30 37.28
C ASN D 92 25.15 9.30 37.88
N GLU D 93 24.15 9.53 37.03
CA GLU D 93 22.78 9.64 37.47
C GLU D 93 21.76 9.40 36.37
N TYR D 94 20.56 9.05 36.80
CA TYR D 94 19.38 8.95 35.97
C TYR D 94 18.80 10.33 35.64
N PRO D 95 17.96 10.41 34.59
CA PRO D 95 17.99 9.52 33.43
C PRO D 95 19.41 9.48 32.93
N TYR D 96 19.93 8.28 32.72
CA TYR D 96 21.28 8.10 32.20
C TYR D 96 21.17 8.58 30.77
N THR D 97 22.25 9.17 30.25
CA THR D 97 22.20 9.91 28.98
C THR D 97 23.45 9.65 28.11
N PHE D 98 23.21 9.47 26.82
CA PHE D 98 24.25 9.26 25.83
C PHE D 98 24.54 10.55 25.05
N GLY D 99 25.80 10.75 24.67
CA GLY D 99 26.15 11.75 23.67
C GLY D 99 25.80 11.31 22.25
N GLY D 100 25.73 12.27 21.33
CA GLY D 100 25.33 12.05 19.96
C GLY D 100 26.28 11.21 19.09
N GLY D 101 27.50 11.00 19.55
CA GLY D 101 28.42 10.11 18.86
C GLY D 101 29.33 10.81 17.86
N THR D 102 30.42 10.15 17.48
CA THR D 102 31.30 10.58 16.41
C THR D 102 31.52 9.42 15.45
N LYS D 103 31.23 9.64 14.18
CA LYS D 103 31.46 8.63 13.17
C LYS D 103 32.90 8.80 12.73
N LEU D 104 33.73 7.79 13.00
CA LEU D 104 35.13 7.92 12.66
C LEU D 104 35.44 7.06 11.45
N GLU D 105 35.94 7.72 10.39
CA GLU D 105 36.33 7.07 9.17
C GLU D 105 37.83 6.87 9.14
N ILE D 106 38.27 5.65 8.78
CA ILE D 106 39.69 5.39 8.67
C ILE D 106 40.07 5.20 7.22
N LYS D 107 40.87 6.14 6.74
CA LYS D 107 41.29 6.20 5.35
C LYS D 107 42.26 5.08 4.97
N ARG D 108 42.21 4.71 3.71
CA ARG D 108 43.11 3.72 3.19
C ARG D 108 43.58 4.24 1.85
N THR D 109 44.43 3.47 1.16
CA THR D 109 44.83 3.82 -0.19
C THR D 109 43.62 3.83 -1.16
N VAL D 110 43.64 4.75 -2.11
CA VAL D 110 42.67 4.76 -3.20
C VAL D 110 42.53 3.36 -3.80
N ALA D 111 41.28 2.98 -4.05
CA ALA D 111 40.94 1.74 -4.72
C ALA D 111 39.90 2.03 -5.78
N ALA D 112 40.14 1.49 -6.98
CA ALA D 112 39.21 1.66 -8.09
C ALA D 112 38.02 0.73 -7.93
N PRO D 113 36.84 1.21 -8.30
CA PRO D 113 35.65 0.34 -8.35
C PRO D 113 35.66 -0.67 -9.52
N SER D 114 35.20 -1.88 -9.25
CA SER D 114 34.79 -2.82 -10.30
C SER D 114 33.28 -2.58 -10.52
N VAL D 115 32.90 -2.27 -11.76
CA VAL D 115 31.49 -1.96 -12.04
C VAL D 115 30.79 -3.10 -12.83
N PHE D 116 29.50 -3.26 -12.54
CA PHE D 116 28.66 -4.32 -13.10
C PHE D 116 27.32 -3.68 -13.33
N ILE D 117 26.67 -4.02 -14.43
CA ILE D 117 25.31 -3.55 -14.69
C ILE D 117 24.39 -4.76 -14.86
N PHE D 118 23.17 -4.65 -14.36
CA PHE D 118 22.20 -5.73 -14.44
C PHE D 118 20.92 -5.21 -15.09
N PRO D 119 20.45 -5.86 -16.18
CA PRO D 119 19.15 -5.51 -16.75
C PRO D 119 18.05 -5.91 -15.77
N PRO D 120 16.82 -5.41 -16.00
CA PRO D 120 15.73 -5.94 -15.20
C PRO D 120 15.57 -7.40 -15.55
N SER D 121 15.00 -8.19 -14.63
CA SER D 121 14.75 -9.58 -14.92
C SER D 121 13.39 -9.69 -15.60
N ASP D 122 13.22 -10.78 -16.37
CA ASP D 122 11.96 -11.10 -17.02
C ASP D 122 10.85 -11.17 -15.99
N GLU D 123 11.15 -11.78 -14.84
CA GLU D 123 10.22 -11.81 -13.69
C GLU D 123 9.70 -10.42 -13.36
N GLN D 124 10.58 -9.46 -13.12
CA GLN D 124 10.14 -8.10 -12.78
C GLN D 124 9.36 -7.45 -13.90
N LEU D 125 9.82 -7.63 -15.13
CA LEU D 125 9.15 -7.04 -16.28
C LEU D 125 7.71 -7.54 -16.41
N LYS D 126 7.52 -8.84 -16.13
CA LYS D 126 6.20 -9.47 -16.02
C LYS D 126 5.25 -8.83 -15.01
N SER D 127 5.50 -7.58 -14.62
CA SER D 127 4.69 -6.93 -13.59
C SER D 127 4.58 -5.44 -13.82
N GLY D 128 5.27 -4.94 -14.84
CA GLY D 128 5.01 -3.58 -15.29
C GLY D 128 6.12 -2.61 -15.01
N THR D 129 7.08 -3.03 -14.17
CA THR D 129 8.18 -2.15 -13.77
C THR D 129 9.53 -2.72 -14.20
N ALA D 130 10.46 -1.81 -14.51
CA ALA D 130 11.82 -2.20 -14.84
C ALA D 130 12.80 -1.50 -13.90
N SER D 131 13.56 -2.28 -13.16
CA SER D 131 14.68 -1.76 -12.36
C SER D 131 16.01 -2.15 -13.02
N VAL D 132 16.81 -1.14 -13.38
CA VAL D 132 18.14 -1.39 -13.93
C VAL D 132 19.17 -1.03 -12.84
N VAL D 133 20.13 -1.94 -12.60
CA VAL D 133 21.02 -1.80 -11.41
C VAL D 133 22.48 -1.70 -11.86
N CYS D 134 23.16 -0.69 -11.34
CA CYS D 134 24.59 -0.53 -11.58
C CYS D 134 25.27 -0.70 -10.23
N LEU D 135 26.31 -1.53 -10.20
CA LEU D 135 27.05 -1.81 -8.97
C LEU D 135 28.49 -1.32 -9.08
N LEU D 136 28.94 -0.62 -8.04
CA LEU D 136 30.31 -0.14 -7.96
C LEU D 136 30.91 -0.93 -6.79
N ASN D 137 31.88 -1.79 -7.07
CA ASN D 137 32.37 -2.70 -6.05
C ASN D 137 33.76 -2.32 -5.54
N ASN D 138 33.85 -2.23 -4.22
CA ASN D 138 35.12 -2.16 -3.49
C ASN D 138 35.99 -0.96 -3.90
N PHE D 139 35.52 0.23 -3.61
CA PHE D 139 36.24 1.44 -3.99
C PHE D 139 36.53 2.33 -2.79
N TYR D 140 37.50 3.21 -2.96
CA TYR D 140 37.86 4.19 -1.95
C TYR D 140 38.61 5.39 -2.55
N PRO D 141 38.21 6.62 -2.21
CA PRO D 141 37.20 7.08 -1.24
C PRO D 141 35.74 6.97 -1.69
N ARG D 142 34.84 7.38 -0.78
CA ARG D 142 33.38 7.30 -0.97
C ARG D 142 32.91 8.08 -2.19
N GLU D 143 33.66 9.12 -2.55
CA GLU D 143 33.22 10.05 -3.57
C GLU D 143 33.22 9.40 -4.94
N ALA D 144 32.05 9.37 -5.57
CA ALA D 144 31.91 8.75 -6.89
C ALA D 144 30.71 9.35 -7.60
N LYS D 145 30.74 9.31 -8.94
CA LYS D 145 29.58 9.73 -9.72
C LYS D 145 29.07 8.61 -10.64
N VAL D 146 27.77 8.42 -10.60
CA VAL D 146 27.07 7.50 -11.48
C VAL D 146 26.16 8.31 -12.40
N GLN D 147 26.35 8.09 -13.71
CA GLN D 147 25.62 8.77 -14.75
C GLN D 147 24.88 7.68 -15.51
N TRP D 148 23.56 7.68 -15.46
CA TRP D 148 22.75 6.78 -16.30
C TRP D 148 22.44 7.42 -17.66
N LYS D 149 22.62 6.62 -18.72
CA LYS D 149 22.23 7.01 -20.07
C LYS D 149 21.38 5.93 -20.73
N VAL D 150 20.26 6.35 -21.30
CA VAL D 150 19.35 5.46 -22.04
C VAL D 150 19.27 5.98 -23.51
N ASP D 151 19.80 5.18 -24.45
CA ASP D 151 20.09 5.68 -25.82
C ASP D 151 20.72 7.07 -25.79
N ASN D 152 21.80 7.20 -25.03
CA ASN D 152 22.56 8.44 -24.92
C ASN D 152 21.79 9.64 -24.32
N ALA D 153 20.58 9.38 -23.81
CA ALA D 153 19.85 10.39 -23.04
C ALA D 153 20.25 10.28 -21.57
N LEU D 154 20.79 11.35 -21.00
CA LEU D 154 21.12 11.37 -19.59
C LEU D 154 19.83 11.36 -18.78
N GLN D 155 19.82 10.50 -17.77
CA GLN D 155 18.66 10.31 -16.89
C GLN D 155 18.95 11.02 -15.59
N SER D 156 18.03 11.91 -15.23
CA SER D 156 18.19 12.70 -14.01
C SER D 156 16.90 12.59 -13.19
N GLY D 157 17.04 12.32 -11.90
CA GLY D 157 15.89 12.34 -10.99
C GLY D 157 15.10 11.04 -10.85
N ASN D 158 15.46 10.04 -11.65
CA ASN D 158 14.77 8.75 -11.62
C ASN D 158 15.64 7.58 -11.21
N SER D 159 16.66 7.85 -10.41
CA SER D 159 17.50 6.79 -9.85
C SER D 159 17.74 7.07 -8.38
N GLN D 160 18.05 6.01 -7.63
CA GLN D 160 18.41 6.11 -6.21
C GLN D 160 19.61 5.23 -5.97
N GLU D 161 20.50 5.67 -5.09
CA GLU D 161 21.66 4.87 -4.73
C GLU D 161 21.79 4.69 -3.25
N SER D 162 22.43 3.59 -2.85
CA SER D 162 22.90 3.47 -1.48
C SER D 162 24.32 2.90 -1.41
N VAL D 163 24.95 3.05 -0.24
CA VAL D 163 26.37 2.77 -0.10
C VAL D 163 26.53 1.99 1.20
N THR D 164 27.42 1.01 1.21
CA THR D 164 27.69 0.21 2.40
C THR D 164 28.58 1.03 3.33
N GLU D 165 28.80 0.51 4.53
CA GLU D 165 29.83 1.04 5.42
C GLU D 165 31.18 0.47 4.96
N GLN D 166 32.30 1.09 5.39
CA GLN D 166 33.64 0.53 5.10
C GLN D 166 33.69 -0.98 5.40
N ASP D 167 34.36 -1.71 4.52
CA ASP D 167 34.42 -3.16 4.58
C ASP D 167 35.33 -3.62 5.71
N SER D 168 34.80 -4.56 6.50
CA SER D 168 35.50 -5.16 7.64
C SER D 168 36.86 -5.72 7.24
N LYS D 169 36.98 -6.15 5.98
CA LYS D 169 38.24 -6.73 5.49
C LYS D 169 39.14 -5.81 4.68
N ASP D 170 38.59 -4.99 3.80
CA ASP D 170 39.46 -4.12 3.04
C ASP D 170 39.20 -2.62 3.14
N SER D 171 38.27 -2.22 4.01
CA SER D 171 37.96 -0.80 4.28
C SER D 171 37.35 -0.01 3.10
N THR D 172 36.98 -0.73 2.05
CA THR D 172 36.38 -0.07 0.89
C THR D 172 34.88 0.18 1.08
N TYR D 173 34.31 1.04 0.24
CA TYR D 173 32.87 1.16 0.01
C TYR D 173 32.43 0.39 -1.24
N SER D 174 31.18 -0.07 -1.23
CA SER D 174 30.46 -0.46 -2.44
C SER D 174 29.18 0.39 -2.54
N LEU D 175 28.63 0.51 -3.76
CA LEU D 175 27.52 1.42 -4.03
C LEU D 175 26.59 0.77 -5.04
N SER D 176 25.29 0.83 -4.74
CA SER D 176 24.26 0.31 -5.63
C SER D 176 23.47 1.49 -6.16
N SER D 177 23.23 1.53 -7.47
CA SER D 177 22.35 2.55 -8.04
C SER D 177 21.27 1.90 -8.91
N THR D 178 20.01 2.20 -8.58
CA THR D 178 18.87 1.66 -9.30
C THR D 178 18.16 2.71 -10.16
N LEU D 179 18.08 2.46 -11.46
CA LEU D 179 17.30 3.30 -12.37
C LEU D 179 15.91 2.72 -12.55
N THR D 180 14.90 3.52 -12.29
CA THR D 180 13.55 3.00 -12.46
C THR D 180 12.95 3.60 -13.72
N LEU D 181 12.38 2.71 -14.53
CA LEU D 181 11.69 3.03 -15.79
C LEU D 181 10.42 2.20 -15.78
N SER D 182 9.37 2.71 -16.46
CA SER D 182 8.19 1.90 -16.75
C SER D 182 8.67 0.83 -17.70
N LYS D 183 8.04 -0.33 -17.64
CA LYS D 183 8.26 -1.35 -18.67
C LYS D 183 8.24 -0.74 -20.06
N ALA D 184 7.19 0.05 -20.38
CA ALA D 184 7.04 0.64 -21.72
C ALA D 184 8.24 1.48 -22.12
N ASP D 185 8.72 2.33 -21.20
CA ASP D 185 9.94 3.10 -21.41
C ASP D 185 11.15 2.20 -21.62
N TYR D 186 11.26 1.16 -20.80
CA TYR D 186 12.41 0.24 -20.90
C TYR D 186 12.44 -0.43 -22.29
N GLU D 187 11.29 -0.92 -22.72
CA GLU D 187 11.13 -1.66 -23.96
C GLU D 187 11.32 -0.80 -25.23
N LYS D 188 11.16 0.51 -25.06
CA LYS D 188 11.24 1.48 -26.15
C LYS D 188 12.68 1.85 -26.51
N HIS D 189 13.64 1.43 -25.68
CA HIS D 189 15.03 1.80 -25.90
C HIS D 189 15.96 0.63 -26.01
N LYS D 190 17.20 0.91 -26.40
CA LYS D 190 18.17 -0.12 -26.76
C LYS D 190 19.33 -0.17 -25.78
N VAL D 191 20.11 0.90 -25.75
CA VAL D 191 21.39 0.94 -25.03
C VAL D 191 21.20 1.48 -23.62
N TYR D 192 21.57 0.67 -22.63
CA TYR D 192 21.52 1.08 -21.21
C TYR D 192 22.93 1.11 -20.68
N ALA D 193 23.35 2.30 -20.27
CA ALA D 193 24.70 2.55 -19.82
C ALA D 193 24.76 3.23 -18.46
N CYS D 194 25.68 2.76 -17.64
CA CYS D 194 25.99 3.33 -16.37
C CYS D 194 27.43 3.74 -16.52
N GLU D 195 27.71 5.04 -16.47
CA GLU D 195 29.07 5.53 -16.50
C GLU D 195 29.47 5.98 -15.10
N VAL D 196 30.70 5.63 -14.71
CA VAL D 196 31.19 5.84 -13.37
C VAL D 196 32.51 6.63 -13.40
N THR D 197 32.62 7.66 -12.56
CA THR D 197 33.89 8.37 -12.38
C THR D 197 34.33 8.32 -10.93
N HIS D 198 35.60 8.00 -10.74
CA HIS D 198 36.22 7.86 -9.43
C HIS D 198 37.75 8.05 -9.56
N GLN D 199 38.36 8.53 -8.48
CA GLN D 199 39.79 8.89 -8.42
C GLN D 199 40.72 7.72 -8.67
N GLY D 200 40.18 6.51 -8.53
CA GLY D 200 40.94 5.29 -8.81
C GLY D 200 41.01 4.97 -10.28
N LEU D 201 40.19 5.67 -11.07
CA LEU D 201 40.15 5.54 -12.54
C LEU D 201 40.78 6.76 -13.21
N SER D 202 41.60 6.51 -14.24
CA SER D 202 42.21 7.57 -15.07
C SER D 202 41.17 8.26 -15.96
N SER D 203 40.25 7.46 -16.48
CA SER D 203 39.09 8.00 -17.18
C SER D 203 37.82 7.23 -16.77
N PRO D 204 36.64 7.91 -16.82
CA PRO D 204 35.34 7.32 -16.52
C PRO D 204 35.10 5.98 -17.22
N VAL D 205 34.56 5.02 -16.47
CA VAL D 205 34.30 3.68 -16.96
C VAL D 205 32.80 3.52 -17.19
N THR D 206 32.44 2.96 -18.35
CA THR D 206 31.06 2.72 -18.72
C THR D 206 30.83 1.23 -18.85
N LYS D 207 29.75 0.75 -18.24
CA LYS D 207 29.23 -0.60 -18.49
C LYS D 207 27.87 -0.43 -19.12
N SER D 208 27.63 -1.14 -20.22
CA SER D 208 26.39 -1.01 -20.95
C SER D 208 25.86 -2.37 -21.32
N PHE D 209 24.59 -2.41 -21.70
CA PHE D 209 24.06 -3.59 -22.36
C PHE D 209 23.03 -3.06 -23.36
N ASN D 210 22.66 -3.92 -24.30
CA ASN D 210 21.59 -3.67 -25.24
C ASN D 210 20.45 -4.57 -24.85
N ARG D 211 19.26 -3.98 -24.71
CA ARG D 211 18.11 -4.77 -24.34
C ARG D 211 17.88 -5.87 -25.39
N GLY D 212 17.77 -7.12 -24.93
CA GLY D 212 17.59 -8.25 -25.84
C GLY D 212 18.76 -9.21 -25.99
N GLU D 213 19.98 -8.70 -25.80
CA GLU D 213 21.20 -9.52 -25.87
C GLU D 213 21.34 -10.46 -24.66
N GLN E 1 30.88 -14.64 24.52
CA GLN E 1 31.00 -14.73 26.01
C GLN E 1 29.58 -14.65 26.63
N VAL E 2 28.93 -13.53 26.32
CA VAL E 2 27.56 -13.28 26.65
C VAL E 2 26.95 -12.81 25.32
N THR E 3 25.69 -13.14 25.10
CA THR E 3 24.94 -12.61 23.95
C THR E 3 23.54 -12.28 24.42
N LEU E 4 22.97 -11.23 23.85
CA LEU E 4 21.57 -10.85 24.07
C LEU E 4 20.87 -10.66 22.73
N LYS E 5 19.56 -10.87 22.74
CA LYS E 5 18.77 -10.90 21.50
C LYS E 5 17.38 -10.36 21.76
N GLU E 6 17.03 -9.28 21.09
CA GLU E 6 15.75 -8.63 21.26
C GLU E 6 14.81 -9.13 20.18
N SER E 7 13.53 -9.26 20.52
CA SER E 7 12.52 -9.59 19.54
C SER E 7 11.31 -8.74 19.85
N GLY E 8 10.54 -8.47 18.81
CA GLY E 8 9.44 -7.53 18.85
C GLY E 8 8.51 -7.87 17.69
N PRO E 9 7.44 -7.09 17.54
CA PRO E 9 6.42 -7.29 16.51
C PRO E 9 6.78 -6.70 15.14
N GLY E 10 7.87 -5.95 15.08
CA GLY E 10 8.26 -5.27 13.83
C GLY E 10 7.43 -4.03 13.47
N ILE E 11 6.11 -4.19 13.52
CA ILE E 11 5.16 -3.10 13.26
C ILE E 11 3.99 -3.24 14.23
N LEU E 12 3.47 -2.09 14.66
CA LEU E 12 2.22 -2.05 15.41
C LEU E 12 1.56 -0.71 15.15
N GLN E 13 0.27 -0.62 15.46
CA GLN E 13 -0.50 0.57 15.15
C GLN E 13 -0.45 1.52 16.32
N PRO E 14 -0.56 2.84 16.06
CA PRO E 14 -0.64 3.74 17.20
C PRO E 14 -1.69 3.24 18.21
N SER E 15 -1.42 3.46 19.50
CA SER E 15 -2.30 3.09 20.62
C SER E 15 -2.17 1.65 21.13
N GLN E 16 -1.52 0.79 20.36
CA GLN E 16 -1.30 -0.58 20.81
C GLN E 16 -0.19 -0.57 21.88
N THR E 17 -0.03 -1.71 22.54
CA THR E 17 1.00 -1.89 23.55
C THR E 17 2.13 -2.63 22.88
N LEU E 18 3.32 -2.05 22.96
CA LEU E 18 4.51 -2.73 22.47
C LEU E 18 5.03 -3.70 23.52
N SER E 19 5.20 -4.96 23.11
CA SER E 19 5.77 -5.99 23.96
C SER E 19 7.09 -6.51 23.36
N LEU E 20 8.17 -6.30 24.10
CA LEU E 20 9.53 -6.71 23.69
C LEU E 20 10.10 -7.77 24.61
N THR E 21 10.93 -8.64 24.06
CA THR E 21 11.58 -9.68 24.83
C THR E 21 13.08 -9.57 24.60
N CYS E 22 13.84 -9.84 25.64
CA CYS E 22 15.28 -9.92 25.55
C CYS E 22 15.63 -11.32 26.04
N SER E 23 16.24 -12.14 25.20
CA SER E 23 16.74 -13.45 25.61
C SER E 23 18.26 -13.34 25.61
N PHE E 24 18.91 -14.02 26.55
CA PHE E 24 20.35 -13.87 26.69
C PHE E 24 21.01 -15.15 27.17
N SER E 25 22.30 -15.28 26.85
CA SER E 25 23.07 -16.43 27.23
C SER E 25 24.35 -15.98 27.90
N GLY E 26 24.95 -16.88 28.69
CA GLY E 26 26.26 -16.67 29.28
C GLY E 26 26.15 -16.09 30.65
N PHE E 27 24.92 -15.73 31.05
CA PHE E 27 24.67 -15.18 32.38
C PHE E 27 23.20 -15.37 32.72
N SER E 28 22.88 -15.24 34.01
CA SER E 28 21.51 -15.46 34.48
C SER E 28 21.12 -14.35 35.42
N LEU E 29 19.88 -13.89 35.31
CA LEU E 29 19.35 -12.85 36.20
C LEU E 29 18.94 -13.40 37.57
N SER E 30 19.34 -14.65 37.85
CA SER E 30 19.23 -15.19 39.20
C SER E 30 20.58 -15.10 39.93
N THR E 31 21.60 -14.61 39.23
CA THR E 31 22.93 -14.42 39.80
C THR E 31 23.10 -13.03 40.39
N TYR E 32 23.68 -12.94 41.60
CA TYR E 32 23.96 -11.66 42.22
C TYR E 32 24.67 -10.67 41.27
N GLY E 33 24.18 -9.43 41.23
CA GLY E 33 24.84 -8.35 40.52
C GLY E 33 24.48 -8.21 39.05
N MET E 34 23.66 -9.15 38.57
CA MET E 34 23.22 -9.18 37.18
C MET E 34 22.03 -8.26 36.97
N GLY E 35 22.09 -7.50 35.88
CA GLY E 35 20.98 -6.62 35.53
C GLY E 35 20.90 -6.44 34.02
N VAL E 36 19.72 -6.07 33.52
CA VAL E 36 19.49 -5.85 32.10
C VAL E 36 18.68 -4.56 31.92
N GLY E 37 19.10 -3.76 30.93
CA GLY E 37 18.44 -2.51 30.56
C GLY E 37 17.93 -2.48 29.12
N TRP E 38 16.97 -1.59 28.87
CA TRP E 38 16.47 -1.31 27.52
C TRP E 38 16.84 0.12 27.16
N ILE E 39 17.40 0.30 25.97
CA ILE E 39 17.84 1.59 25.45
C ILE E 39 17.34 1.57 23.99
N ARG E 40 16.71 2.66 23.56
CA ARG E 40 16.25 2.80 22.16
C ARG E 40 16.89 3.96 21.40
N GLN E 41 16.90 3.84 20.07
CA GLN E 41 17.45 4.85 19.18
C GLN E 41 16.50 5.12 18.00
N PRO E 42 15.82 6.28 17.98
CA PRO E 42 15.08 6.64 16.77
C PRO E 42 16.05 6.92 15.63
N SER E 43 15.69 6.50 14.41
CA SER E 43 16.58 6.66 13.24
C SER E 43 17.13 8.07 13.20
N GLY E 44 18.44 8.17 12.98
CA GLY E 44 19.13 9.48 13.00
C GLY E 44 18.92 10.34 14.25
N LYS E 45 18.68 9.72 15.40
CA LYS E 45 18.69 10.41 16.69
C LYS E 45 19.58 9.64 17.64
N GLY E 46 19.74 10.14 18.86
CA GLY E 46 20.65 9.49 19.80
C GLY E 46 19.97 8.37 20.57
N LEU E 47 20.76 7.66 21.37
CA LEU E 47 20.27 6.62 22.25
C LEU E 47 19.59 7.23 23.46
N GLU E 48 18.56 6.55 23.96
CA GLU E 48 17.76 6.99 25.08
C GLU E 48 17.51 5.78 25.96
N TRP E 49 18.00 5.85 27.20
CA TRP E 49 17.77 4.81 28.18
C TRP E 49 16.30 4.82 28.51
N LEU E 50 15.69 3.64 28.61
CA LEU E 50 14.26 3.49 28.92
C LEU E 50 14.02 3.00 30.34
N ALA E 51 14.67 1.90 30.68
CA ALA E 51 14.41 1.25 31.96
C ALA E 51 15.40 0.13 32.14
N HIS E 52 15.51 -0.37 33.37
CA HIS E 52 16.34 -1.55 33.63
C HIS E 52 15.85 -2.33 34.83
N ILE E 53 16.33 -3.56 34.97
CA ILE E 53 15.88 -4.45 36.04
C ILE E 53 17.05 -5.24 36.57
N TRP E 54 17.12 -5.39 37.89
CA TRP E 54 18.18 -6.15 38.53
C TRP E 54 17.72 -7.55 38.93
N TRP E 55 18.69 -8.40 39.28
CA TRP E 55 18.46 -9.78 39.70
C TRP E 55 17.51 -9.95 40.88
N ASP E 56 17.33 -8.90 41.69
CA ASP E 56 16.52 -8.94 42.89
C ASP E 56 15.26 -8.13 42.66
N ASP E 57 14.98 -7.89 41.39
CA ASP E 57 13.73 -7.33 40.94
C ASP E 57 13.63 -5.82 41.18
N VAL E 58 14.73 -5.18 41.57
CA VAL E 58 14.76 -3.73 41.61
C VAL E 58 14.62 -3.22 40.19
N LYS E 59 13.70 -2.28 39.98
CA LYS E 59 13.41 -1.71 38.66
C LYS E 59 13.55 -0.19 38.61
N ARG E 60 13.97 0.32 37.45
CA ARG E 60 14.11 1.77 37.20
C ARG E 60 13.52 2.17 35.87
N TYR E 61 12.85 3.32 35.83
CA TYR E 61 12.21 3.80 34.63
C TYR E 61 12.54 5.25 34.32
N ASN E 62 12.62 5.56 33.04
CA ASN E 62 12.80 6.94 32.57
C ASN E 62 11.54 7.74 32.84
N PRO E 63 11.63 8.81 33.65
CA PRO E 63 10.42 9.60 33.96
C PRO E 63 9.73 10.17 32.73
N ALA E 64 10.49 10.34 31.64
CA ALA E 64 9.97 10.84 30.38
C ALA E 64 8.97 9.88 29.73
N LEU E 65 8.89 8.66 30.25
CA LEU E 65 7.91 7.65 29.80
C LEU E 65 7.31 6.83 30.96
N LYS E 66 7.88 6.96 32.17
CA LYS E 66 7.64 6.03 33.31
C LYS E 66 6.23 5.43 33.44
N SER E 67 5.21 6.28 33.23
CA SER E 67 3.80 5.89 33.28
C SER E 67 3.39 4.89 32.20
N ARG E 68 4.24 4.69 31.19
CA ARG E 68 3.91 3.82 30.08
C ARG E 68 4.72 2.51 30.07
N LEU E 69 5.73 2.43 30.94
CA LEU E 69 6.68 1.31 30.94
C LEU E 69 6.48 0.31 32.07
N THR E 70 6.64 -0.97 31.73
CA THR E 70 6.67 -2.05 32.70
C THR E 70 7.81 -2.97 32.29
N ILE E 71 8.74 -3.18 33.20
CA ILE E 71 9.82 -4.12 32.93
C ILE E 71 9.63 -5.31 33.87
N SER E 72 9.97 -6.50 33.41
CA SER E 72 9.85 -7.69 34.24
C SER E 72 10.86 -8.69 33.74
N LYS E 73 11.07 -9.76 34.52
CA LYS E 73 11.92 -10.88 34.11
C LYS E 73 11.16 -12.16 34.32
N ASP E 74 11.54 -13.22 33.61
CA ASP E 74 10.87 -14.52 33.76
C ASP E 74 11.43 -15.28 34.96
N THR E 75 11.03 -16.55 35.11
CA THR E 75 11.55 -17.42 36.16
C THR E 75 12.82 -18.18 35.74
N SER E 76 12.99 -18.44 34.44
CA SER E 76 14.18 -19.13 33.96
C SER E 76 15.44 -18.27 34.18
N GLY E 77 15.22 -16.98 34.46
CA GLY E 77 16.29 -16.01 34.68
C GLY E 77 17.06 -15.72 33.41
N SER E 78 16.49 -16.13 32.27
CA SER E 78 17.13 -15.96 30.97
C SER E 78 16.36 -15.06 30.01
N GLN E 79 15.32 -14.39 30.48
CA GLN E 79 14.59 -13.43 29.63
C GLN E 79 14.16 -12.24 30.44
N VAL E 80 14.02 -11.12 29.75
CA VAL E 80 13.56 -9.87 30.35
C VAL E 80 12.59 -9.34 29.34
N PHE E 81 11.53 -8.69 29.82
CA PHE E 81 10.46 -8.24 28.99
C PHE E 81 10.30 -6.75 29.19
N LEU E 82 9.86 -6.05 28.16
CA LEU E 82 9.47 -4.65 28.28
C LEU E 82 8.18 -4.37 27.56
N LYS E 83 7.25 -3.71 28.27
CA LYS E 83 6.02 -3.26 27.68
C LYS E 83 5.98 -1.75 27.63
N ILE E 84 5.61 -1.23 26.47
CA ILE E 84 5.31 0.19 26.33
C ILE E 84 3.84 0.31 25.91
N ALA E 85 3.05 0.90 26.81
CA ALA E 85 1.64 1.13 26.54
C ALA E 85 1.43 2.27 25.53
N SER E 86 0.29 2.22 24.85
CA SER E 86 -0.21 3.33 24.03
C SER E 86 0.86 3.97 23.15
N VAL E 87 1.41 3.19 22.23
CA VAL E 87 2.48 3.70 21.38
C VAL E 87 2.03 4.82 20.44
N ASP E 88 2.92 5.79 20.21
CA ASP E 88 2.73 6.73 19.10
C ASP E 88 3.92 6.65 18.14
N THR E 89 3.90 7.48 17.09
CA THR E 89 4.97 7.51 16.09
C THR E 89 6.33 7.85 16.70
N SER E 90 6.35 8.55 17.82
CA SER E 90 7.63 8.89 18.47
C SER E 90 8.35 7.65 19.10
N ASP E 91 7.63 6.53 19.16
CA ASP E 91 8.15 5.25 19.69
C ASP E 91 8.74 4.33 18.60
N THR E 92 8.70 4.79 17.36
CA THR E 92 9.41 4.13 16.27
C THR E 92 10.91 4.29 16.54
N ALA E 93 11.64 3.18 16.59
CA ALA E 93 13.05 3.19 17.02
C ALA E 93 13.59 1.78 16.91
N THR E 94 14.93 1.67 17.01
CA THR E 94 15.56 0.40 17.27
C THR E 94 15.69 0.28 18.77
N TYR E 95 15.23 -0.84 19.30
CA TYR E 95 15.24 -1.12 20.73
C TYR E 95 16.34 -2.14 21.03
N TYR E 96 17.16 -1.83 22.02
CA TYR E 96 18.31 -2.66 22.38
C TYR E 96 18.12 -3.09 23.81
N CYS E 97 18.49 -4.32 24.13
CA CYS E 97 18.70 -4.65 25.55
C CYS E 97 20.19 -4.86 25.77
N ALA E 98 20.63 -4.65 27.01
CA ALA E 98 22.05 -4.73 27.31
C ALA E 98 22.23 -5.13 28.78
N ARG E 99 23.31 -5.83 29.07
CA ARG E 99 23.69 -6.13 30.45
C ARG E 99 24.55 -5.05 31.09
N MET E 100 24.14 -4.62 32.29
CA MET E 100 24.92 -3.76 33.17
C MET E 100 26.26 -4.36 33.53
N GLY E 101 27.31 -3.55 33.41
CA GLY E 101 28.66 -4.04 33.67
C GLY E 101 29.05 -4.06 35.13
N SER E 102 28.15 -3.63 36.01
CA SER E 102 28.44 -3.44 37.42
C SER E 102 27.31 -4.06 38.24
N ASP E 103 27.54 -4.32 39.53
CA ASP E 103 26.49 -4.82 40.43
C ASP E 103 25.69 -3.68 41.08
N TYR E 104 26.00 -2.43 40.71
CA TYR E 104 25.26 -1.26 41.23
C TYR E 104 25.19 -0.08 40.27
N ASP E 105 26.20 0.04 39.42
CA ASP E 105 26.33 1.16 38.49
C ASP E 105 25.80 0.88 37.08
N VAL E 106 25.38 1.92 36.37
CA VAL E 106 24.67 1.72 35.09
C VAL E 106 25.46 2.11 33.81
N TRP E 107 26.44 1.27 33.49
CA TRP E 107 27.05 1.26 32.18
C TRP E 107 26.84 -0.15 31.71
N PHE E 108 27.01 -0.41 30.41
CA PHE E 108 26.59 -1.68 29.82
C PHE E 108 27.73 -2.37 29.14
N ASP E 109 28.04 -3.59 29.57
CA ASP E 109 29.18 -4.32 29.02
C ASP E 109 28.88 -5.28 27.84
N TYR E 110 27.62 -5.63 27.63
CA TYR E 110 27.24 -6.38 26.45
C TYR E 110 25.91 -5.87 25.95
N TRP E 111 25.71 -5.91 24.62
CA TRP E 111 24.51 -5.33 23.97
C TRP E 111 23.94 -6.31 22.98
N GLY E 112 22.63 -6.26 22.76
CA GLY E 112 22.04 -6.95 21.62
C GLY E 112 22.19 -6.19 20.32
N GLN E 113 21.85 -6.85 19.21
CA GLN E 113 21.97 -6.22 17.90
C GLN E 113 20.85 -5.18 17.74
N GLY E 114 19.85 -5.26 18.62
CA GLY E 114 18.66 -4.39 18.59
C GLY E 114 17.53 -4.92 17.71
N THR E 115 16.29 -4.49 17.96
CA THR E 115 15.17 -4.82 17.06
C THR E 115 14.42 -3.55 16.64
N LEU E 116 14.21 -3.36 15.34
CA LEU E 116 13.47 -2.21 14.83
C LEU E 116 11.96 -2.38 15.05
N VAL E 117 11.32 -1.36 15.61
CA VAL E 117 9.85 -1.33 15.78
C VAL E 117 9.34 -0.08 15.06
N THR E 118 8.36 -0.25 14.17
CA THR E 118 7.75 0.87 13.48
C THR E 118 6.33 1.03 13.99
N VAL E 119 5.99 2.23 14.45
CA VAL E 119 4.62 2.51 14.87
C VAL E 119 4.01 3.25 13.70
N SER E 120 3.00 2.64 13.10
CA SER E 120 2.44 3.10 11.86
C SER E 120 1.09 2.49 11.59
N ALA E 121 0.22 3.28 10.95
CA ALA E 121 -1.13 2.88 10.55
C ALA E 121 -1.13 2.16 9.22
N ALA E 122 -0.08 2.36 8.43
CA ALA E 122 0.05 1.73 7.12
C ALA E 122 0.14 0.21 7.25
N SER E 123 -0.37 -0.47 6.24
CA SER E 123 -0.36 -1.92 6.26
C SER E 123 1.01 -2.43 5.83
N THR E 124 1.39 -3.54 6.44
CA THR E 124 2.63 -4.24 6.13
C THR E 124 2.59 -4.79 4.69
N LYS E 125 3.72 -4.77 4.01
CA LYS E 125 3.81 -5.40 2.69
C LYS E 125 5.12 -6.18 2.60
N GLY E 126 5.03 -7.44 2.18
CA GLY E 126 6.18 -8.30 1.95
C GLY E 126 6.86 -7.97 0.63
N PRO E 127 8.16 -8.28 0.52
CA PRO E 127 8.91 -7.99 -0.71
C PRO E 127 8.66 -8.92 -1.89
N SER E 128 8.82 -8.38 -3.10
CA SER E 128 9.11 -9.19 -4.27
C SER E 128 10.61 -9.33 -4.38
N VAL E 129 11.08 -10.53 -4.74
CA VAL E 129 12.50 -10.79 -4.82
C VAL E 129 12.85 -11.19 -6.25
N PHE E 130 13.73 -10.43 -6.89
CA PHE E 130 14.10 -10.67 -8.27
C PHE E 130 15.58 -10.95 -8.38
N PRO E 131 15.96 -11.81 -9.35
CA PRO E 131 17.38 -12.13 -9.48
C PRO E 131 18.11 -10.98 -10.12
N LEU E 132 19.36 -10.79 -9.70
CA LEU E 132 20.32 -9.95 -10.43
C LEU E 132 21.34 -10.93 -11.00
N ALA E 133 21.15 -11.32 -12.25
CA ALA E 133 21.71 -12.57 -12.77
C ALA E 133 23.14 -12.31 -13.19
N PRO E 134 24.04 -13.30 -12.98
CA PRO E 134 25.42 -13.20 -13.44
C PRO E 134 25.43 -13.22 -14.96
N SER E 135 26.22 -12.32 -15.55
CA SER E 135 26.28 -12.22 -17.02
C SER E 135 27.72 -12.23 -17.49
N SER E 136 27.99 -11.45 -18.53
CA SER E 136 29.35 -11.03 -18.92
C SER E 136 29.53 -9.56 -18.56
N LYS E 137 28.43 -8.80 -18.62
CA LYS E 137 28.37 -7.38 -18.20
C LYS E 137 28.49 -7.29 -16.68
N SER E 138 28.60 -8.47 -16.06
CA SER E 138 28.95 -8.65 -14.66
C SER E 138 29.95 -9.83 -14.51
N THR E 139 30.96 -9.83 -15.38
CA THR E 139 32.00 -10.87 -15.39
C THR E 139 33.34 -10.28 -15.85
N SER E 140 33.93 -9.45 -15.00
CA SER E 140 35.21 -8.81 -15.30
C SER E 140 36.27 -9.16 -14.25
N GLY E 141 37.41 -9.65 -14.73
CA GLY E 141 38.55 -9.99 -13.89
C GLY E 141 38.49 -11.34 -13.20
N GLY E 142 38.17 -12.38 -13.97
CA GLY E 142 37.97 -13.74 -13.43
C GLY E 142 36.85 -13.87 -12.40
N THR E 143 36.10 -12.76 -12.21
CA THR E 143 35.03 -12.67 -11.22
C THR E 143 33.69 -12.41 -11.90
N ALA E 144 32.60 -12.89 -11.29
CA ALA E 144 31.25 -12.53 -11.70
C ALA E 144 30.48 -11.96 -10.52
N ALA E 145 29.60 -10.99 -10.77
CA ALA E 145 28.68 -10.49 -9.74
C ALA E 145 27.29 -11.02 -9.96
N LEU E 146 26.61 -11.32 -8.86
CA LEU E 146 25.20 -11.67 -8.89
C LEU E 146 24.53 -11.20 -7.60
N GLY E 147 23.21 -11.22 -7.57
CA GLY E 147 22.52 -10.78 -6.38
C GLY E 147 21.03 -10.97 -6.43
N CYS E 148 20.37 -10.35 -5.46
CA CYS E 148 18.92 -10.30 -5.38
C CYS E 148 18.45 -8.84 -5.18
N LEU E 149 17.46 -8.43 -5.96
CA LEU E 149 16.74 -7.15 -5.76
C LEU E 149 15.51 -7.43 -4.92
N VAL E 150 15.44 -6.78 -3.76
CA VAL E 150 14.35 -7.00 -2.83
C VAL E 150 13.49 -5.75 -2.84
N LYS E 151 12.37 -5.82 -3.57
CA LYS E 151 11.61 -4.62 -3.91
C LYS E 151 10.22 -4.51 -3.23
N ASP E 152 9.85 -3.27 -2.88
CA ASP E 152 8.50 -2.90 -2.45
C ASP E 152 8.00 -3.62 -1.20
N TYR E 153 8.72 -3.44 -0.09
CA TYR E 153 8.27 -3.95 1.19
C TYR E 153 8.10 -2.80 2.16
N PHE E 154 7.33 -3.06 3.22
CA PHE E 154 7.11 -2.10 4.28
C PHE E 154 6.65 -2.85 5.52
N PRO E 155 7.17 -2.45 6.69
CA PRO E 155 8.26 -1.50 6.96
C PRO E 155 9.60 -2.20 6.95
N GLU E 156 10.65 -1.47 7.29
CA GLU E 156 11.96 -2.07 7.53
C GLU E 156 11.88 -2.98 8.75
N PRO E 157 12.84 -3.93 8.90
CA PRO E 157 13.87 -4.31 7.95
C PRO E 157 13.62 -5.61 7.17
N VAL E 158 14.43 -5.80 6.14
CA VAL E 158 14.61 -7.11 5.53
C VAL E 158 16.01 -7.62 5.94
N THR E 159 16.18 -8.93 6.15
CA THR E 159 17.54 -9.51 6.18
C THR E 159 17.79 -10.36 4.94
N VAL E 160 19.06 -10.42 4.52
CA VAL E 160 19.46 -11.30 3.43
C VAL E 160 20.71 -12.09 3.81
N SER E 161 20.62 -13.40 3.70
CA SER E 161 21.81 -14.26 3.76
C SER E 161 21.91 -14.98 2.40
N TRP E 162 23.04 -15.63 2.16
CA TRP E 162 23.33 -16.35 0.91
C TRP E 162 23.72 -17.76 1.28
N ASN E 163 23.00 -18.72 0.72
CA ASN E 163 23.19 -20.14 1.01
C ASN E 163 23.11 -20.43 2.50
N SER E 164 22.00 -19.99 3.11
CA SER E 164 21.74 -20.15 4.54
C SER E 164 22.91 -19.74 5.43
N GLY E 165 23.69 -18.74 5.00
CA GLY E 165 24.79 -18.23 5.82
C GLY E 165 26.13 -18.82 5.46
N ALA E 166 26.13 -19.87 4.65
CA ALA E 166 27.36 -20.52 4.22
C ALA E 166 28.25 -19.58 3.42
N LEU E 167 27.63 -18.64 2.70
CA LEU E 167 28.35 -17.69 1.85
C LEU E 167 28.33 -16.29 2.44
N THR E 168 29.52 -15.82 2.80
CA THR E 168 29.69 -14.55 3.48
C THR E 168 30.73 -13.67 2.80
N SER E 169 31.75 -14.27 2.20
CA SER E 169 32.86 -13.52 1.57
C SER E 169 32.41 -12.81 0.30
N GLY E 170 32.70 -11.52 0.18
CA GLY E 170 32.32 -10.74 -1.01
C GLY E 170 30.85 -10.35 -1.11
N VAL E 171 30.07 -10.66 -0.08
CA VAL E 171 28.67 -10.26 0.04
C VAL E 171 28.52 -8.79 0.44
N HIS E 172 27.67 -8.04 -0.28
CA HIS E 172 27.30 -6.66 0.11
C HIS E 172 25.80 -6.46 0.08
N THR E 173 25.19 -6.26 1.26
CA THR E 173 23.77 -6.03 1.33
C THR E 173 23.65 -4.54 1.59
N PHE E 174 23.03 -3.83 0.65
CA PHE E 174 23.05 -2.37 0.70
C PHE E 174 21.94 -1.85 1.60
N PRO E 175 22.10 -0.63 2.14
CA PRO E 175 21.02 -0.02 2.90
C PRO E 175 19.81 0.17 2.01
N ALA E 176 18.63 0.00 2.58
CA ALA E 176 17.37 0.14 1.84
C ALA E 176 17.23 1.61 1.41
N VAL E 177 16.52 1.83 0.31
CA VAL E 177 16.06 3.18 -0.03
C VAL E 177 14.54 3.23 0.00
N LEU E 178 14.01 4.33 0.52
CA LEU E 178 12.56 4.53 0.52
C LEU E 178 12.18 5.10 -0.84
N GLN E 179 11.20 4.47 -1.49
CA GLN E 179 10.76 4.97 -2.81
C GLN E 179 9.61 5.98 -2.67
N SER E 180 9.28 6.68 -3.76
CA SER E 180 8.17 7.67 -3.71
C SER E 180 6.82 7.00 -3.44
N SER E 181 6.75 5.69 -3.67
CA SER E 181 5.57 4.91 -3.32
C SER E 181 5.35 4.75 -1.82
N GLY E 182 6.37 5.07 -1.01
CA GLY E 182 6.30 4.78 0.42
C GLY E 182 6.74 3.36 0.75
N LEU E 183 7.30 2.69 -0.25
CA LEU E 183 7.85 1.34 -0.07
C LEU E 183 9.37 1.35 -0.22
N TYR E 184 10.04 0.37 0.39
CA TYR E 184 11.50 0.33 0.39
C TYR E 184 11.98 -0.71 -0.59
N SER E 185 13.20 -0.53 -1.08
CA SER E 185 13.77 -1.51 -1.98
C SER E 185 15.23 -1.64 -1.57
N LEU E 186 15.76 -2.86 -1.65
CA LEU E 186 17.21 -3.06 -1.44
C LEU E 186 17.80 -4.13 -2.36
N SER E 187 19.11 -4.06 -2.57
CA SER E 187 19.85 -5.06 -3.28
C SER E 187 20.84 -5.74 -2.35
N SER E 188 21.07 -7.03 -2.58
CA SER E 188 22.17 -7.75 -1.95
C SER E 188 22.94 -8.41 -3.09
N VAL E 189 24.26 -8.21 -3.08
CA VAL E 189 25.15 -8.71 -4.12
C VAL E 189 26.27 -9.60 -3.54
N VAL E 190 26.85 -10.43 -4.41
CA VAL E 190 28.05 -11.20 -4.08
C VAL E 190 28.87 -11.42 -5.36
N THR E 191 30.19 -11.32 -5.24
CA THR E 191 31.09 -11.62 -6.36
C THR E 191 31.62 -13.05 -6.17
N VAL E 192 31.67 -13.80 -7.26
CA VAL E 192 32.04 -15.22 -7.23
C VAL E 192 32.98 -15.55 -8.41
N PRO E 193 33.64 -16.73 -8.37
CA PRO E 193 34.46 -17.07 -9.55
C PRO E 193 33.56 -17.31 -10.75
N SER E 194 33.91 -16.74 -11.89
CA SER E 194 33.12 -16.94 -13.10
C SER E 194 32.99 -18.43 -13.47
N SER E 195 34.07 -19.20 -13.28
CA SER E 195 34.09 -20.61 -13.71
C SER E 195 33.11 -21.51 -12.96
N SER E 196 32.76 -21.14 -11.73
CA SER E 196 31.85 -21.91 -10.89
C SER E 196 30.37 -21.82 -11.29
N LEU E 197 30.03 -20.79 -12.08
CA LEU E 197 28.63 -20.44 -12.34
C LEU E 197 27.69 -21.59 -12.77
N GLY E 198 28.25 -22.72 -13.15
CA GLY E 198 27.46 -23.86 -13.61
C GLY E 198 26.95 -24.81 -12.52
N THR E 199 27.79 -25.07 -11.51
CA THR E 199 27.54 -26.19 -10.59
C THR E 199 27.20 -25.79 -9.15
N GLN E 200 27.89 -24.79 -8.65
CA GLN E 200 27.59 -24.21 -7.34
C GLN E 200 26.23 -23.54 -7.46
N THR E 201 25.34 -23.73 -6.47
CA THR E 201 24.09 -22.94 -6.46
C THR E 201 24.27 -21.70 -5.59
N TYR E 202 23.51 -20.67 -5.92
CA TYR E 202 23.50 -19.41 -5.16
C TYR E 202 22.04 -19.12 -4.83
N ILE E 203 21.75 -19.09 -3.54
CA ILE E 203 20.39 -18.89 -3.05
C ILE E 203 20.38 -17.76 -2.05
N CYS E 204 19.62 -16.70 -2.34
CA CYS E 204 19.52 -15.60 -1.39
C CYS E 204 18.35 -15.84 -0.51
N ASN E 205 18.58 -15.82 0.80
CA ASN E 205 17.51 -16.07 1.78
C ASN E 205 17.07 -14.74 2.34
N VAL E 206 15.84 -14.38 2.02
CA VAL E 206 15.29 -13.08 2.36
C VAL E 206 14.22 -13.26 3.45
N ASN E 207 14.31 -12.44 4.49
CA ASN E 207 13.33 -12.50 5.57
C ASN E 207 12.80 -11.09 5.88
N HIS E 208 11.50 -10.91 5.71
CA HIS E 208 10.81 -9.71 6.14
C HIS E 208 9.88 -10.07 7.31
N LYS E 209 10.43 -9.96 8.51
CA LYS E 209 9.72 -10.37 9.74
C LYS E 209 8.37 -9.64 9.98
N PRO E 210 8.30 -8.29 9.79
CA PRO E 210 7.04 -7.56 9.95
C PRO E 210 5.82 -8.16 9.25
N SER E 211 6.03 -8.70 8.05
CA SER E 211 4.95 -9.33 7.29
C SER E 211 5.02 -10.85 7.37
N ASN E 212 5.97 -11.37 8.14
CA ASN E 212 6.21 -12.81 8.26
C ASN E 212 6.50 -13.47 6.91
N THR E 213 7.15 -12.73 6.00
CA THR E 213 7.48 -13.23 4.66
C THR E 213 8.93 -13.69 4.57
N LYS E 214 9.13 -14.95 4.23
CA LYS E 214 10.45 -15.49 3.92
C LYS E 214 10.50 -15.99 2.49
N VAL E 215 11.60 -15.71 1.78
CA VAL E 215 11.75 -16.14 0.39
C VAL E 215 13.17 -16.63 0.18
N ASP E 216 13.31 -17.84 -0.37
CA ASP E 216 14.59 -18.33 -0.87
C ASP E 216 14.57 -18.20 -2.40
N LYS E 217 15.50 -17.40 -2.93
CA LYS E 217 15.54 -17.14 -4.37
C LYS E 217 16.84 -17.70 -4.91
N LYS E 218 16.74 -18.69 -5.82
CA LYS E 218 17.91 -19.23 -6.52
C LYS E 218 18.23 -18.33 -7.68
N VAL E 219 19.49 -17.91 -7.76
CA VAL E 219 19.93 -16.95 -8.76
C VAL E 219 20.87 -17.63 -9.75
N GLU E 220 20.46 -17.68 -11.01
CA GLU E 220 21.20 -18.40 -12.07
C GLU E 220 21.58 -17.50 -13.22
N PRO E 221 22.58 -17.92 -14.03
CA PRO E 221 22.77 -17.26 -15.32
C PRO E 221 21.53 -17.47 -16.17
N SER F 7 22.08 10.48 44.34
CA SER F 7 22.78 11.10 45.50
C SER F 7 24.30 10.99 45.37
N THR F 8 24.97 12.15 45.30
CA THR F 8 26.43 12.22 45.27
C THR F 8 27.03 11.69 46.59
N ALA F 9 26.42 12.10 47.69
CA ALA F 9 26.83 11.65 49.03
C ALA F 9 26.69 10.15 49.22
N LEU F 10 25.67 9.55 48.60
CA LEU F 10 25.46 8.10 48.70
C LEU F 10 26.53 7.37 47.90
N ARG F 11 26.81 7.89 46.71
CA ARG F 11 27.81 7.30 45.84
C ARG F 11 29.18 7.38 46.51
N GLU F 12 29.49 8.53 47.10
CA GLU F 12 30.77 8.74 47.81
C GLU F 12 30.91 7.78 48.99
N LEU F 13 29.83 7.62 49.75
CA LEU F 13 29.83 6.62 50.82
C LEU F 13 30.04 5.20 50.29
N ILE F 14 29.33 4.85 49.21
CA ILE F 14 29.52 3.52 48.63
C ILE F 14 30.99 3.31 48.25
N GLU F 15 31.56 4.27 47.52
CA GLU F 15 32.95 4.20 47.06
C GLU F 15 33.96 4.11 48.23
N GLU F 16 33.73 4.90 49.29
CA GLU F 16 34.53 4.78 50.53
C GLU F 16 34.53 3.35 51.08
N LEU F 17 33.34 2.77 51.27
CA LEU F 17 33.24 1.39 51.78
C LEU F 17 33.86 0.34 50.85
N VAL F 18 33.68 0.52 49.55
CA VAL F 18 34.35 -0.32 48.55
C VAL F 18 35.86 -0.12 48.76
N ASN F 19 36.27 1.13 48.90
CA ASN F 19 37.68 1.44 49.08
C ASN F 19 38.29 0.79 50.32
N ILE F 20 37.59 0.84 51.45
CA ILE F 20 38.14 0.25 52.70
C ILE F 20 37.92 -1.26 52.86
N THR F 21 37.09 -1.87 52.01
CA THR F 21 36.84 -3.31 52.08
C THR F 21 37.48 -4.13 50.95
N GLN F 22 37.57 -3.52 49.76
CA GLN F 22 38.21 -4.20 48.63
C GLN F 22 39.73 -4.23 48.78
N LEU F 28 39.40 -5.59 59.78
CA LEU F 28 39.47 -4.17 59.46
C LEU F 28 40.01 -3.36 60.63
N CYS F 29 39.31 -3.43 61.76
CA CYS F 29 39.72 -2.74 62.99
C CYS F 29 40.17 -3.73 64.07
N ASN F 30 40.78 -4.83 63.61
CA ASN F 30 41.35 -5.91 64.45
C ASN F 30 40.57 -6.35 65.71
N GLY F 31 39.81 -7.43 65.58
CA GLY F 31 39.11 -8.05 66.71
C GLY F 31 37.94 -7.25 67.31
N SER F 32 37.86 -5.97 66.96
CA SER F 32 36.80 -5.10 67.44
C SER F 32 35.44 -5.50 66.88
N MET F 33 34.50 -5.74 67.78
CA MET F 33 33.14 -6.17 67.41
C MET F 33 32.17 -5.01 67.60
N VAL F 34 31.00 -5.10 66.96
CA VAL F 34 29.97 -4.06 67.05
C VAL F 34 28.55 -4.63 67.06
N TRP F 35 27.60 -3.82 67.54
CA TRP F 35 26.19 -4.20 67.54
C TRP F 35 25.64 -4.21 66.11
N SER F 36 25.14 -5.37 65.68
CA SER F 36 24.57 -5.51 64.33
C SER F 36 23.22 -4.80 64.24
N ILE F 37 22.90 -4.31 63.04
CA ILE F 37 21.67 -3.56 62.82
C ILE F 37 20.71 -4.26 61.83
N ASN F 38 19.71 -3.52 61.39
CA ASN F 38 18.70 -4.01 60.44
C ASN F 38 18.69 -3.18 59.15
N LEU F 39 18.30 -3.80 58.04
CA LEU F 39 18.16 -3.10 56.75
C LEU F 39 16.89 -2.22 56.69
N THR F 40 17.09 -0.91 56.55
CA THR F 40 16.00 0.06 56.48
C THR F 40 16.45 1.32 55.73
N MET F 43 18.07 3.96 58.18
CA MET F 43 18.98 3.00 58.83
C MET F 43 20.39 3.56 59.09
N TYR F 44 20.68 4.71 58.48
CA TYR F 44 21.99 5.37 58.61
C TYR F 44 22.40 5.66 60.06
N CYS F 45 21.43 6.08 60.87
CA CYS F 45 21.66 6.39 62.27
C CYS F 45 22.05 5.18 63.12
N ALA F 46 21.32 4.07 62.95
CA ALA F 46 21.62 2.82 63.64
C ALA F 46 23.00 2.26 63.30
N ALA F 47 23.44 2.52 62.06
CA ALA F 47 24.77 2.12 61.60
C ALA F 47 25.87 3.05 62.14
N LEU F 48 25.56 4.34 62.20
CA LEU F 48 26.49 5.33 62.73
C LEU F 48 26.65 5.18 64.24
N GLU F 49 25.55 4.94 64.95
CA GLU F 49 25.61 4.79 66.39
C GLU F 49 26.34 3.50 66.78
N SER F 50 26.27 2.51 65.90
CA SER F 50 27.03 1.27 66.06
C SER F 50 28.51 1.45 65.74
N LEU F 51 28.82 2.35 64.81
CA LEU F 51 30.21 2.58 64.38
C LEU F 51 30.95 3.64 65.18
N ILE F 52 30.22 4.41 65.98
CA ILE F 52 30.82 5.47 66.81
C ILE F 52 31.49 4.92 68.07
N ASN F 53 31.09 3.72 68.50
CA ASN F 53 31.72 3.06 69.65
C ASN F 53 33.15 2.61 69.38
N VAL F 54 33.46 2.38 68.10
CA VAL F 54 34.80 2.03 67.66
C VAL F 54 35.78 3.16 68.01
N SER F 55 36.86 2.79 68.69
CA SER F 55 37.83 3.78 69.18
C SER F 55 39.10 3.89 68.30
N GLY F 56 39.95 2.87 68.33
CA GLY F 56 41.25 2.93 67.67
C GLY F 56 41.29 2.34 66.26
N CYS F 57 40.63 3.02 65.32
CA CYS F 57 40.56 2.56 63.92
C CYS F 57 40.40 3.75 62.96
N SER F 58 41.52 4.24 62.43
CA SER F 58 41.52 5.43 61.59
C SER F 58 40.89 5.21 60.20
N ALA F 59 40.88 3.94 59.78
CA ALA F 59 40.28 3.55 58.50
C ALA F 59 38.82 4.03 58.37
N ILE F 60 38.07 3.97 59.48
CA ILE F 60 36.63 4.21 59.47
C ILE F 60 36.19 5.65 59.78
N GLU F 61 37.14 6.50 60.14
CA GLU F 61 36.83 7.91 60.46
C GLU F 61 36.15 8.67 59.31
N LYS F 62 36.60 8.41 58.08
CA LYS F 62 35.98 9.04 56.92
C LYS F 62 34.54 8.57 56.75
N THR F 63 34.31 7.29 57.03
CA THR F 63 32.97 6.71 56.94
C THR F 63 32.02 7.31 57.98
N GLN F 64 32.46 7.31 59.24
CA GLN F 64 31.76 8.01 60.34
C GLN F 64 31.37 9.43 59.94
N ARG F 65 32.35 10.20 59.44
CA ARG F 65 32.14 11.57 59.00
C ARG F 65 31.08 11.69 57.91
N MET F 66 30.89 10.59 57.19
CA MET F 66 30.00 10.55 56.05
C MET F 66 28.60 10.11 56.44
N LEU F 67 28.51 9.11 57.31
CA LEU F 67 27.22 8.70 57.89
C LEU F 67 26.63 9.87 58.68
N SER F 68 27.45 10.49 59.53
CA SER F 68 27.14 11.77 60.16
C SER F 68 26.28 12.68 59.28
N GLY F 69 26.68 12.82 58.03
CA GLY F 69 26.04 13.70 57.06
C GLY F 69 24.67 13.22 56.61
N PHE F 70 24.38 11.95 56.85
CA PHE F 70 23.06 11.38 56.56
C PHE F 70 22.11 11.49 57.76
N CYS F 71 22.63 11.14 58.95
CA CYS F 71 21.88 11.21 60.21
C CYS F 71 21.69 12.67 60.67
N PRO F 72 20.42 13.11 60.80
CA PRO F 72 20.07 14.49 61.17
C PRO F 72 20.37 14.90 62.63
N HIS F 73 20.62 13.94 63.52
CA HIS F 73 20.96 14.25 64.92
C HIS F 73 22.35 13.79 65.32
N LYS F 74 23.04 14.63 66.10
CA LYS F 74 24.40 14.34 66.57
C LYS F 74 24.42 13.08 67.45
N VAL F 75 25.53 12.36 67.41
CA VAL F 75 25.65 11.07 68.10
C VAL F 75 26.79 11.10 69.13
N SER F 76 26.65 10.32 70.20
CA SER F 76 27.66 10.22 71.26
C SER F 76 28.04 8.77 71.58
N ALA F 77 29.31 8.56 71.91
CA ALA F 77 29.79 7.26 72.39
C ALA F 77 30.45 7.40 73.76
N LYS F 89 25.96 -9.06 68.30
CA LYS F 89 27.34 -8.60 68.16
C LYS F 89 28.06 -9.28 67.00
N ILE F 90 28.64 -8.46 66.12
CA ILE F 90 29.44 -8.93 64.97
C ILE F 90 30.64 -8.01 64.73
N GLU F 91 31.61 -8.49 63.96
CA GLU F 91 32.85 -7.75 63.67
C GLU F 91 32.61 -6.47 62.85
N VAL F 92 33.63 -5.60 62.80
CA VAL F 92 33.58 -4.37 62.02
C VAL F 92 33.73 -4.66 60.51
N ALA F 93 34.37 -5.79 60.19
CA ALA F 93 34.48 -6.25 58.80
C ALA F 93 33.12 -6.65 58.28
N GLN F 94 32.52 -7.66 58.90
CA GLN F 94 31.19 -8.17 58.55
C GLN F 94 30.16 -7.05 58.43
N PHE F 95 30.29 -6.04 59.28
CA PHE F 95 29.36 -4.92 59.40
C PHE F 95 29.40 -3.98 58.18
N VAL F 96 30.60 -3.56 57.81
CA VAL F 96 30.79 -2.65 56.68
C VAL F 96 30.41 -3.39 55.38
N LYS F 97 30.66 -4.69 55.35
CA LYS F 97 30.34 -5.53 54.19
C LYS F 97 28.83 -5.62 53.95
N ASP F 98 28.08 -6.00 54.98
CA ASP F 98 26.63 -6.12 54.90
C ASP F 98 25.99 -4.76 54.59
N LEU F 99 26.55 -3.71 55.21
CA LEU F 99 26.09 -2.34 54.99
C LEU F 99 26.30 -1.87 53.54
N LEU F 100 27.44 -2.21 52.96
CA LEU F 100 27.74 -1.85 51.58
C LEU F 100 26.68 -2.42 50.61
N LEU F 101 26.43 -3.72 50.74
CA LEU F 101 25.37 -4.39 49.98
C LEU F 101 24.02 -3.68 50.10
N HIS F 102 23.64 -3.35 51.33
CA HIS F 102 22.42 -2.60 51.57
C HIS F 102 22.43 -1.23 50.90
N LEU F 103 23.54 -0.49 51.01
CA LEU F 103 23.71 0.81 50.35
C LEU F 103 23.70 0.72 48.83
N LYS F 104 24.36 -0.30 48.30
CA LYS F 104 24.25 -0.61 46.86
C LYS F 104 22.80 -0.77 46.42
N LYS F 105 22.00 -1.47 47.23
CA LYS F 105 20.55 -1.64 46.95
C LYS F 105 19.80 -0.31 46.97
N LEU F 106 20.01 0.47 48.03
CA LEU F 106 19.40 1.80 48.10
C LEU F 106 19.85 2.68 46.92
N PHE F 107 21.10 2.53 46.49
CA PHE F 107 21.61 3.27 45.34
C PHE F 107 20.82 2.86 44.08
N ARG F 108 20.69 1.55 43.87
CA ARG F 108 20.01 0.99 42.70
C ARG F 108 18.53 1.34 42.62
N GLU F 109 17.87 1.42 43.78
CA GLU F 109 16.47 1.84 43.91
C GLU F 109 16.24 3.32 43.62
N GLY F 110 17.27 4.14 43.83
CA GLY F 110 17.15 5.57 43.58
C GLY F 110 16.84 6.35 44.85
#